data_5UEM
#
_entry.id   5UEM
#
_cell.length_a   63.635
_cell.length_b   67.507
_cell.length_c   210.664
_cell.angle_alpha   90.00
_cell.angle_beta   90.00
_cell.angle_gamma   90.00
#
_symmetry.space_group_name_H-M   'P 21 21 21'
#
loop_
_entity.id
_entity.type
_entity.pdbx_description
1 polymer 'clade A/E 93TH057 HIV-1 gp120 core'
2 polymer '354NC37 Fab Heavy Chain'
3 polymer '354NC37 Fab Light Chain'
4 branched 2-acetamido-2-deoxy-beta-D-glucopyranose-(1-4)-2-acetamido-2-deoxy-beta-D-glucopyranose
5 branched alpha-D-mannopyranose-(1-3)-[alpha-D-mannopyranose-(1-6)]beta-D-mannopyranose-(1-4)-2-acetamido-2-deoxy-beta-D-glucopyranose-(1-4)-2-acetamido-2-deoxy-beta-D-glucopyranose
6 branched alpha-D-mannopyranose-(1-2)-alpha-D-mannopyranose-(1-3)-[alpha-D-mannopyranose-(1-3)-alpha-D-mannopyranose-(1-6)]beta-D-mannopyranose-(1-4)-2-acetamido-2-deoxy-beta-D-glucopyranose-(1-4)-2-acetamido-2-deoxy-beta-D-glucopyranose
7 non-polymer 2-acetamido-2-deoxy-beta-D-glucopyranose
8 non-polymer '4-(2-HYDROXYETHYL)-1-PIPERAZINE ETHANESULFONIC ACID'
9 water water
#
loop_
_entity_poly.entity_id
_entity_poly.type
_entity_poly.pdbx_seq_one_letter_code
_entity_poly.pdbx_strand_id
1 'polypeptide(L)'
;VWKDADTTLFCASDAKAHETECHNVWATHACVPTDPNPQEIHLENVTENFNMWKNNMVEQMQEDVISLWDQCLQPCVKLT
GGSVIKQACPKISFDPIPIHYCTPAGYVILKCNDKNFNGTGPCKNVSSVQCTHGIKPVVSTQLLLNGSLAEEEIIIRSEN
LTNNAKTIIVHLNKSVEINCTRPSNGGSGSGGDIRKAYCEINGTKWNKVLKQVTEKLKEHFNNKTIIFQPPSGGDLEITM
HHFNCRGEFFYCNTTQLFNNTCIGNETMKGCNGTITLPCKIKQIINMWQGTGQAMYAPPIDGKINCVSNITGILLTRDGG
ANNTSNETFRPGGGNIKDNWRSELYKYKVVQIEGSHHHHHH
;
G
2 'polypeptide(L)'
;QVRLVQSGGQVRKPGASVTISCEADGYEFPDYYIHWVRLARGRGPEWLGLIKVGHGGGAMYAPSLQGRISMSRDIHTTTA
YMTLQRLTHDDTATYYCSRDNFGTRPVPGRGYYYGMDVWGQGTAIIVSSASTKGPSVFPLAPSSKSTSGGTAALGCLVKD
YFPEPVTVSWNSGALTSGVHTFPAVLQSSGLYSLSSVVTVPSSSLGTQTYICNVNHKPSNTKVDKRVEPK
;
H
3 'polypeptide(L)'
;EIVLTQSPGILSLAPGERASLSCRASYGLDTSHLAWFQHKPGRPPRLLIYGTSSRPPGVPDRFRGSGSGTDFTLTITKLE
PEDFAVYYCQNSGGGTPLIFGPGTKVDIKRTVAAPSVFIFPPSDEQLKSGTASVVCLLNNFYPREAKVQWKVDNALQSGN
SQESVTEQDSKDSTYSLSSTLTLSKADYEKHKVYACEVTHQGLSSPVTKSFNR
;
L
#
loop_
_chem_comp.id
_chem_comp.type
_chem_comp.name
_chem_comp.formula
BMA D-saccharide, beta linking beta-D-mannopyranose 'C6 H12 O6'
EPE non-polymer '4-(2-HYDROXYETHYL)-1-PIPERAZINE ETHANESULFONIC ACID' 'C8 H18 N2 O4 S'
MAN D-saccharide, alpha linking alpha-D-mannopyranose 'C6 H12 O6'
NAG D-saccharide, beta linking 2-acetamido-2-deoxy-beta-D-glucopyranose 'C8 H15 N O6'
#
# COMPACT_ATOMS: atom_id res chain seq x y z
N VAL A 1 20.88 -37.56 -4.11
CA VAL A 1 20.35 -38.44 -3.08
C VAL A 1 19.16 -37.78 -2.39
N TRP A 2 19.17 -36.45 -2.31
CA TRP A 2 18.12 -35.72 -1.62
C TRP A 2 17.71 -34.50 -2.42
N LYS A 3 16.57 -33.93 -2.04
CA LYS A 3 16.06 -32.70 -2.64
C LYS A 3 15.29 -31.93 -1.58
N ASP A 4 15.17 -30.62 -1.80
CA ASP A 4 14.45 -29.78 -0.85
C ASP A 4 12.98 -30.16 -0.80
N ALA A 5 12.40 -30.13 0.40
CA ALA A 5 11.00 -30.50 0.56
C ALA A 5 10.49 -29.95 1.89
N ASP A 6 9.16 -29.81 1.98
CA ASP A 6 8.49 -29.38 3.18
C ASP A 6 7.62 -30.51 3.72
N THR A 7 7.64 -30.67 5.05
CA THR A 7 6.86 -31.72 5.70
C THR A 7 6.63 -31.32 7.15
N THR A 8 5.70 -32.00 7.78
CA THR A 8 5.39 -31.72 9.18
C THR A 8 6.51 -32.25 10.08
N LEU A 9 7.01 -31.41 10.96
CA LEU A 9 8.04 -31.82 11.89
C LEU A 9 7.42 -32.30 13.20
N PHE A 10 8.27 -32.75 14.11
CA PHE A 10 7.84 -32.99 15.48
C PHE A 10 8.91 -32.43 16.40
N CYS A 11 8.50 -32.08 17.62
CA CYS A 11 9.40 -31.45 18.57
C CYS A 11 9.87 -32.45 19.62
N ALA A 12 11.04 -32.17 20.18
CA ALA A 12 11.61 -32.96 21.26
C ALA A 12 12.14 -32.00 22.32
N SER A 13 12.04 -32.41 23.58
CA SER A 13 12.42 -31.54 24.67
C SER A 13 12.85 -32.40 25.86
N ASP A 14 13.44 -31.73 26.85
CA ASP A 14 13.83 -32.36 28.11
C ASP A 14 12.87 -31.98 29.23
N ALA A 15 11.58 -31.90 28.91
CA ALA A 15 10.59 -31.46 29.89
C ALA A 15 10.32 -32.57 30.91
N LYS A 16 10.47 -32.23 32.18
CA LYS A 16 10.19 -33.16 33.27
C LYS A 16 8.69 -33.26 33.48
N ALA A 17 8.25 -34.44 33.94
CA ALA A 17 6.83 -34.75 33.96
C ALA A 17 6.09 -34.04 35.08
N HIS A 18 6.76 -33.79 36.21
CA HIS A 18 6.08 -33.24 37.37
C HIS A 18 6.27 -31.73 37.52
N GLU A 19 6.85 -31.08 36.52
CA GLU A 19 7.08 -29.65 36.60
C GLU A 19 5.79 -28.88 36.38
N THR A 20 5.61 -27.82 37.17
CA THR A 20 4.44 -26.97 37.01
C THR A 20 4.68 -25.84 36.01
N GLU A 21 5.94 -25.60 35.63
CA GLU A 21 6.23 -24.59 34.61
C GLU A 21 5.56 -24.99 33.31
N CYS A 22 4.97 -24.00 32.64
CA CYS A 22 3.99 -24.30 31.59
C CYS A 22 4.61 -24.66 30.25
N HIS A 23 5.85 -24.25 29.99
CA HIS A 23 6.54 -24.78 28.82
C HIS A 23 6.76 -26.29 28.96
N ASN A 24 7.05 -26.75 30.18
CA ASN A 24 7.19 -28.18 30.41
C ASN A 24 5.88 -28.91 30.20
N VAL A 25 4.79 -28.39 30.79
CA VAL A 25 3.49 -29.04 30.70
C VAL A 25 3.09 -29.22 29.24
N TRP A 26 3.27 -28.19 28.42
CA TRP A 26 2.94 -28.29 27.00
C TRP A 26 3.85 -29.28 26.29
N ALA A 27 5.15 -29.18 26.53
CA ALA A 27 6.11 -30.04 25.83
C ALA A 27 6.00 -31.50 26.24
N THR A 28 5.48 -31.78 27.44
CA THR A 28 5.34 -33.17 27.87
C THR A 28 4.30 -33.90 27.03
N HIS A 29 3.27 -33.19 26.54
CA HIS A 29 2.24 -33.82 25.71
C HIS A 29 2.37 -33.48 24.23
N ALA A 30 3.10 -32.44 23.87
CA ALA A 30 3.24 -32.06 22.47
C ALA A 30 4.56 -32.47 21.85
N CYS A 31 5.55 -32.87 22.67
CA CYS A 31 6.85 -33.30 22.17
C CYS A 31 7.23 -34.65 22.78
N VAL A 32 8.21 -35.29 22.18
CA VAL A 32 8.77 -36.55 22.68
C VAL A 32 10.07 -36.23 23.42
N PRO A 33 10.64 -37.18 24.16
CA PRO A 33 11.94 -36.91 24.81
C PRO A 33 13.05 -36.73 23.78
N THR A 34 14.17 -36.21 24.27
CA THR A 34 15.33 -35.93 23.43
C THR A 34 16.11 -37.21 23.14
N ASP A 35 16.58 -37.33 21.91
CA ASP A 35 17.49 -38.40 21.55
C ASP A 35 18.81 -38.23 22.28
N PRO A 36 19.18 -39.13 23.20
CA PRO A 36 20.44 -38.95 23.94
C PRO A 36 21.69 -39.17 23.11
N ASN A 37 21.57 -39.70 21.88
CA ASN A 37 22.71 -39.95 21.00
C ASN A 37 22.53 -39.15 19.71
N PRO A 38 22.76 -37.83 19.75
CA PRO A 38 22.64 -37.03 18.52
C PRO A 38 23.71 -37.44 17.52
N GLN A 39 23.28 -37.67 16.29
CA GLN A 39 24.17 -38.09 15.21
C GLN A 39 24.23 -37.01 14.15
N GLU A 40 25.43 -36.49 13.90
CA GLU A 40 25.66 -35.47 12.89
C GLU A 40 26.71 -35.97 11.92
N ILE A 41 26.39 -35.91 10.62
CA ILE A 41 27.25 -36.44 9.57
C ILE A 41 27.61 -35.29 8.63
N HIS A 42 28.91 -35.03 8.49
CA HIS A 42 29.39 -33.94 7.65
C HIS A 42 29.47 -34.40 6.20
N LEU A 43 28.95 -33.59 5.29
CA LEU A 43 28.89 -33.94 3.87
C LEU A 43 30.13 -33.41 3.17
N GLU A 44 30.93 -34.31 2.60
CA GLU A 44 32.19 -33.92 1.98
C GLU A 44 31.92 -33.25 0.64
N ASN A 45 32.40 -32.01 0.49
CA ASN A 45 32.35 -31.28 -0.77
C ASN A 45 30.91 -31.16 -1.28
N VAL A 46 30.03 -30.67 -0.41
CA VAL A 46 28.62 -30.48 -0.72
C VAL A 46 28.27 -29.02 -0.49
N THR A 47 27.62 -28.42 -1.49
CA THR A 47 27.19 -27.02 -1.41
C THR A 47 25.67 -26.98 -1.52
N GLU A 48 25.03 -26.39 -0.51
CA GLU A 48 23.58 -26.26 -0.46
C GLU A 48 23.20 -24.78 -0.38
N ASN A 49 22.05 -24.46 -0.98
CA ASN A 49 21.50 -23.11 -0.94
C ASN A 49 20.45 -23.03 0.16
N PHE A 50 20.61 -22.05 1.05
CA PHE A 50 19.67 -21.81 2.13
C PHE A 50 18.97 -20.48 1.94
N ASN A 51 17.79 -20.36 2.56
CA ASN A 51 17.04 -19.11 2.55
C ASN A 51 16.26 -19.05 3.85
N MET A 52 16.86 -18.40 4.86
CA MET A 52 16.25 -18.31 6.17
C MET A 52 14.92 -17.59 6.15
N TRP A 53 14.67 -16.76 5.14
CA TRP A 53 13.45 -15.97 5.08
C TRP A 53 12.30 -16.67 4.38
N LYS A 54 12.60 -17.73 3.61
CA LYS A 54 11.56 -18.57 3.02
C LYS A 54 11.72 -19.99 3.53
N ASN A 55 11.72 -20.15 4.84
CA ASN A 55 11.97 -21.43 5.50
C ASN A 55 10.71 -21.86 6.24
N ASN A 56 10.10 -22.96 5.78
CA ASN A 56 8.85 -23.43 6.36
C ASN A 56 9.00 -23.88 7.81
N MET A 57 10.22 -24.19 8.25
CA MET A 57 10.44 -24.56 9.65
C MET A 57 10.05 -23.43 10.58
N VAL A 58 10.15 -22.18 10.12
CA VAL A 58 9.76 -21.04 10.94
C VAL A 58 8.25 -20.98 11.11
N GLU A 59 7.51 -21.23 10.02
CA GLU A 59 6.05 -21.25 10.11
C GLU A 59 5.57 -22.29 11.10
N GLN A 60 6.24 -23.45 11.14
CA GLN A 60 5.79 -24.53 12.00
C GLN A 60 6.10 -24.22 13.47
N MET A 61 7.23 -23.59 13.76
CA MET A 61 7.53 -23.21 15.13
C MET A 61 6.59 -22.12 15.61
N GLN A 62 6.26 -21.16 14.73
CA GLN A 62 5.31 -20.12 15.10
C GLN A 62 3.97 -20.72 15.49
N GLU A 63 3.50 -21.72 14.74
CA GLU A 63 2.25 -22.38 15.08
C GLU A 63 2.35 -23.16 16.39
N ASP A 64 3.55 -23.59 16.77
CA ASP A 64 3.72 -24.26 18.06
C ASP A 64 3.62 -23.27 19.22
N VAL A 65 4.35 -22.16 19.13
CA VAL A 65 4.36 -21.18 20.22
C VAL A 65 2.99 -20.55 20.38
N ILE A 66 2.24 -20.41 19.28
CA ILE A 66 0.87 -19.94 19.38
C ILE A 66 0.04 -20.94 20.18
N SER A 67 0.19 -22.23 19.87
CA SER A 67 -0.51 -23.25 20.64
C SER A 67 -0.05 -23.28 22.09
N LEU A 68 1.27 -23.14 22.31
CA LEU A 68 1.80 -23.13 23.67
C LEU A 68 1.28 -21.94 24.47
N TRP A 69 1.05 -20.80 23.83
CA TRP A 69 0.58 -19.64 24.56
C TRP A 69 -0.92 -19.67 24.81
N ASP A 70 -1.70 -20.30 23.93
CA ASP A 70 -3.14 -20.41 24.17
C ASP A 70 -3.41 -21.29 25.39
N GLN A 71 -2.61 -22.33 25.60
CA GLN A 71 -2.80 -23.21 26.74
C GLN A 71 -2.31 -22.55 28.04
N CYS A 72 -1.24 -21.77 27.99
CA CYS A 72 -0.57 -21.29 29.19
C CYS A 72 -1.08 -19.93 29.68
N LEU A 73 -1.05 -18.92 28.83
CA LEU A 73 -1.35 -17.55 29.23
C LEU A 73 -2.73 -17.14 28.72
N GLN A 74 -3.76 -17.68 29.37
CA GLN A 74 -5.13 -17.27 29.06
C GLN A 74 -5.45 -15.99 29.83
N PRO A 75 -5.86 -14.92 29.16
CA PRO A 75 -6.11 -13.66 29.86
C PRO A 75 -7.49 -13.63 30.49
N CYS A 76 -7.70 -12.63 31.35
CA CYS A 76 -9.01 -12.44 31.96
C CYS A 76 -10.04 -12.00 30.93
N VAL A 77 -9.65 -11.10 30.03
CA VAL A 77 -10.51 -10.57 28.99
C VAL A 77 -9.77 -10.62 27.67
N LYS A 78 -10.39 -11.19 26.65
CA LYS A 78 -9.83 -11.27 25.31
C LYS A 78 -10.72 -10.48 24.37
N LEU A 79 -10.12 -9.64 23.53
CA LEU A 79 -10.85 -8.77 22.62
C LEU A 79 -10.27 -8.98 21.23
N THR A 80 -10.97 -9.76 20.40
CA THR A 80 -10.47 -10.17 19.08
C THR A 80 -11.57 -9.98 18.05
N GLY A 81 -11.71 -8.75 17.56
CA GLY A 81 -12.56 -8.51 16.41
C GLY A 81 -14.02 -8.78 16.71
N GLY A 82 -14.58 -8.05 17.67
CA GLY A 82 -15.97 -8.18 18.06
C GLY A 82 -16.35 -9.50 18.72
N SER A 83 -15.48 -10.04 19.57
CA SER A 83 -15.80 -11.20 20.41
C SER A 83 -15.09 -10.97 21.73
N VAL A 84 -15.85 -10.61 22.75
CA VAL A 84 -15.34 -10.40 24.08
C VAL A 84 -15.48 -11.69 24.85
N ILE A 85 -14.37 -12.24 25.33
CA ILE A 85 -14.35 -13.46 26.11
C ILE A 85 -13.81 -13.14 27.49
N LYS A 86 -14.64 -13.31 28.51
CA LYS A 86 -14.25 -13.18 29.90
C LYS A 86 -13.89 -14.56 30.44
N GLN A 87 -12.76 -14.66 31.12
CA GLN A 87 -12.23 -15.96 31.50
C GLN A 87 -11.45 -15.82 32.80
N ALA A 88 -11.04 -16.97 33.34
CA ALA A 88 -10.14 -16.98 34.48
C ALA A 88 -8.71 -16.79 34.01
N CYS A 89 -7.91 -16.10 34.83
CA CYS A 89 -6.54 -15.75 34.48
C CYS A 89 -5.63 -16.03 35.67
N PRO A 90 -5.21 -17.27 35.84
CA PRO A 90 -4.35 -17.59 36.98
C PRO A 90 -2.88 -17.32 36.66
N LYS A 91 -2.16 -16.81 37.66
CA LYS A 91 -0.72 -16.63 37.52
C LYS A 91 -0.05 -17.98 37.37
N ILE A 92 0.96 -18.05 36.51
CA ILE A 92 1.64 -19.29 36.21
C ILE A 92 3.14 -19.11 36.29
N SER A 93 3.85 -20.23 36.34
CA SER A 93 5.30 -20.26 36.17
C SER A 93 5.61 -20.34 34.69
N PHE A 94 6.38 -19.37 34.18
CA PHE A 94 6.60 -19.22 32.74
C PHE A 94 8.08 -18.93 32.49
N ASP A 95 8.85 -19.98 32.24
CA ASP A 95 10.26 -19.86 31.87
C ASP A 95 10.50 -20.73 30.64
N PRO A 96 10.78 -20.13 29.48
CA PRO A 96 10.89 -20.92 28.25
C PRO A 96 11.98 -21.97 28.33
N ILE A 97 11.67 -23.17 27.84
CA ILE A 97 12.64 -24.27 27.80
C ILE A 97 13.03 -24.51 26.34
N PRO A 98 14.22 -25.05 26.06
CA PRO A 98 14.61 -25.27 24.67
C PRO A 98 13.74 -26.30 23.99
N ILE A 99 13.41 -26.03 22.73
CA ILE A 99 12.60 -26.92 21.90
C ILE A 99 13.44 -27.38 20.74
N HIS A 100 13.58 -28.71 20.59
CA HIS A 100 14.27 -29.29 19.44
C HIS A 100 13.25 -29.61 18.36
N TYR A 101 13.59 -29.29 17.11
CA TYR A 101 12.71 -29.54 15.97
C TYR A 101 13.33 -30.65 15.13
N CYS A 102 12.64 -31.79 15.09
CA CYS A 102 13.13 -32.99 14.44
C CYS A 102 12.33 -33.30 13.20
N THR A 103 12.92 -34.11 12.34
CA THR A 103 12.35 -34.44 11.04
C THR A 103 11.86 -35.88 11.02
N PRO A 104 10.74 -36.15 10.33
CA PRO A 104 10.21 -37.53 10.29
C PRO A 104 11.02 -38.44 9.39
N ALA A 105 10.59 -39.70 9.29
CA ALA A 105 11.28 -40.65 8.42
C ALA A 105 11.16 -40.24 6.97
N GLY A 106 12.20 -40.57 6.20
CA GLY A 106 12.29 -40.18 4.81
C GLY A 106 12.85 -38.79 4.58
N TYR A 107 12.84 -37.92 5.58
CA TYR A 107 13.39 -36.58 5.50
C TYR A 107 14.53 -36.43 6.49
N VAL A 108 15.35 -35.40 6.27
CA VAL A 108 16.47 -35.09 7.15
C VAL A 108 16.69 -33.58 7.14
N ILE A 109 17.43 -33.09 8.12
CA ILE A 109 17.68 -31.67 8.28
C ILE A 109 19.13 -31.38 7.93
N LEU A 110 19.34 -30.50 6.96
CA LEU A 110 20.68 -30.06 6.60
C LEU A 110 21.02 -28.80 7.39
N LYS A 111 22.17 -28.80 8.04
CA LYS A 111 22.62 -27.69 8.86
C LYS A 111 23.81 -27.00 8.21
N CYS A 112 23.79 -25.67 8.20
CA CYS A 112 24.88 -24.89 7.65
C CYS A 112 25.88 -24.53 8.73
N ASN A 113 27.15 -24.86 8.52
CA ASN A 113 28.19 -24.65 9.50
C ASN A 113 29.19 -23.57 9.10
N ASP A 114 28.88 -22.77 8.08
CA ASP A 114 29.73 -21.65 7.73
C ASP A 114 29.64 -20.58 8.81
N LYS A 115 30.78 -20.24 9.41
CA LYS A 115 30.78 -19.31 10.53
C LYS A 115 30.32 -17.93 10.11
N ASN A 116 30.51 -17.58 8.84
CA ASN A 116 30.14 -16.27 8.32
C ASN A 116 28.81 -16.30 7.57
N PHE A 117 28.06 -17.40 7.66
CA PHE A 117 26.81 -17.54 6.91
C PHE A 117 25.80 -16.48 7.35
N ASN A 118 25.25 -15.75 6.39
CA ASN A 118 24.36 -14.64 6.69
C ASN A 118 22.89 -15.02 6.65
N GLY A 119 22.54 -16.18 6.10
CA GLY A 119 21.15 -16.61 6.09
C GLY A 119 20.63 -17.02 4.73
N THR A 120 21.18 -16.44 3.66
CA THR A 120 20.76 -16.76 2.31
C THR A 120 21.97 -17.12 1.47
N GLY A 121 21.74 -17.95 0.46
CA GLY A 121 22.78 -18.27 -0.50
C GLY A 121 23.47 -19.58 -0.21
N PRO A 122 24.64 -19.77 -0.80
CA PRO A 122 25.34 -21.05 -0.67
C PRO A 122 26.01 -21.21 0.68
N CYS A 123 26.13 -22.48 1.09
CA CYS A 123 26.82 -22.87 2.31
C CYS A 123 27.85 -23.93 1.95
N LYS A 124 29.10 -23.70 2.34
CA LYS A 124 30.19 -24.58 1.93
C LYS A 124 30.35 -25.79 2.85
N ASN A 125 30.09 -25.63 4.15
CA ASN A 125 30.28 -26.69 5.14
C ASN A 125 28.90 -27.11 5.66
N VAL A 126 28.36 -28.18 5.09
CA VAL A 126 27.03 -28.65 5.41
C VAL A 126 27.12 -30.01 6.10
N SER A 127 26.27 -30.21 7.11
CA SER A 127 26.15 -31.49 7.80
C SER A 127 24.68 -31.90 7.83
N SER A 128 24.45 -33.15 8.24
CA SER A 128 23.12 -33.74 8.26
C SER A 128 22.78 -34.14 9.70
N VAL A 129 21.66 -33.63 10.20
CA VAL A 129 21.20 -33.93 11.55
C VAL A 129 19.73 -34.32 11.51
N GLN A 130 19.28 -35.00 12.57
CA GLN A 130 17.89 -35.39 12.70
C GLN A 130 17.06 -34.36 13.45
N CYS A 131 17.69 -33.58 14.33
CA CYS A 131 17.00 -32.55 15.09
C CYS A 131 17.83 -31.28 15.08
N THR A 132 17.15 -30.15 15.28
CA THR A 132 17.85 -28.89 15.51
C THR A 132 18.38 -28.85 16.94
N HIS A 133 19.09 -27.79 17.26
CA HIS A 133 19.51 -27.56 18.63
C HIS A 133 18.32 -27.08 19.45
N GLY A 134 18.53 -27.00 20.77
CA GLY A 134 17.48 -26.53 21.66
C GLY A 134 17.21 -25.04 21.51
N ILE A 135 16.04 -24.70 20.96
CA ILE A 135 15.65 -23.32 20.70
C ILE A 135 14.58 -22.94 21.71
N LYS A 136 14.87 -21.93 22.54
CA LYS A 136 13.89 -21.46 23.49
C LYS A 136 12.90 -20.52 22.80
N PRO A 137 11.60 -20.69 23.00
CA PRO A 137 10.61 -19.83 22.34
C PRO A 137 10.42 -18.50 23.08
N VAL A 138 11.49 -17.71 23.13
CA VAL A 138 11.48 -16.41 23.81
C VAL A 138 10.80 -15.39 22.91
N VAL A 139 9.65 -14.88 23.36
CA VAL A 139 8.87 -13.91 22.60
C VAL A 139 9.24 -12.51 23.09
N SER A 140 9.87 -11.73 22.23
CA SER A 140 10.27 -10.38 22.59
C SER A 140 10.30 -9.51 21.34
N THR A 141 10.50 -8.22 21.55
CA THR A 141 10.65 -7.25 20.47
C THR A 141 11.93 -6.45 20.67
N GLN A 142 12.32 -5.72 19.62
CA GLN A 142 13.50 -4.86 19.61
C GLN A 142 14.80 -5.62 19.85
N LEU A 143 14.90 -6.35 20.96
CA LEU A 143 16.11 -7.07 21.31
C LEU A 143 15.83 -8.56 21.33
N LEU A 144 16.65 -9.33 20.61
CA LEU A 144 16.59 -10.78 20.68
C LEU A 144 17.27 -11.23 21.97
N LEU A 145 16.55 -12.01 22.77
CA LEU A 145 17.03 -12.40 24.10
C LEU A 145 17.23 -13.91 24.17
N ASN A 146 18.32 -14.31 24.83
CA ASN A 146 18.57 -15.69 25.24
C ASN A 146 18.82 -16.63 24.06
N GLY A 147 19.11 -16.09 22.88
CA GLY A 147 19.42 -16.90 21.73
C GLY A 147 20.87 -17.31 21.67
N SER A 148 21.26 -17.84 20.52
CA SER A 148 22.65 -18.18 20.29
C SER A 148 23.42 -16.97 19.76
N LEU A 149 24.75 -17.07 19.79
CA LEU A 149 25.63 -16.03 19.32
C LEU A 149 26.29 -16.45 18.01
N ALA A 150 26.69 -15.45 17.22
CA ALA A 150 27.51 -15.72 16.05
C ALA A 150 28.89 -16.21 16.48
N GLU A 151 29.50 -17.04 15.63
CA GLU A 151 30.74 -17.70 16.01
C GLU A 151 31.99 -16.88 15.70
N GLU A 152 31.92 -15.93 14.76
CA GLU A 152 33.07 -15.12 14.40
C GLU A 152 32.67 -13.66 14.49
N GLU A 153 32.39 -13.02 13.35
CA GLU A 153 32.01 -11.61 13.34
C GLU A 153 30.50 -11.43 13.51
N ILE A 154 30.10 -10.19 13.74
CA ILE A 154 28.68 -9.85 13.76
C ILE A 154 28.09 -10.09 12.38
N ILE A 155 26.89 -10.67 12.34
CA ILE A 155 26.22 -11.03 11.10
C ILE A 155 24.98 -10.17 10.94
N ILE A 156 24.86 -9.53 9.78
CA ILE A 156 23.67 -8.78 9.40
C ILE A 156 22.83 -9.69 8.51
N ARG A 157 21.57 -9.91 8.91
CA ARG A 157 20.67 -10.80 8.21
C ARG A 157 19.50 -10.01 7.64
N SER A 158 19.19 -10.24 6.37
CA SER A 158 18.06 -9.59 5.72
C SER A 158 17.82 -10.29 4.39
N GLU A 159 16.54 -10.46 4.03
CA GLU A 159 16.22 -11.01 2.73
C GLU A 159 16.67 -10.07 1.60
N ASN A 160 16.74 -8.78 1.89
CA ASN A 160 17.19 -7.80 0.89
C ASN A 160 17.47 -6.46 1.55
N LEU A 161 18.76 -6.12 1.73
CA LEU A 161 19.13 -4.86 2.35
C LEU A 161 18.70 -3.66 1.52
N THR A 162 18.56 -3.84 0.20
CA THR A 162 18.08 -2.75 -0.65
C THR A 162 16.60 -2.48 -0.47
N ASN A 163 15.85 -3.46 0.05
CA ASN A 163 14.42 -3.32 0.28
C ASN A 163 14.20 -2.85 1.71
N ASN A 164 13.76 -1.59 1.87
CA ASN A 164 13.54 -1.05 3.20
C ASN A 164 12.34 -1.64 3.91
N ALA A 165 11.53 -2.43 3.20
CA ALA A 165 10.37 -3.10 3.79
C ALA A 165 10.70 -4.50 4.29
N LYS A 166 11.98 -4.81 4.48
CA LYS A 166 12.42 -6.11 4.98
C LYS A 166 13.17 -5.92 6.28
N THR A 167 12.80 -6.73 7.27
CA THR A 167 13.42 -6.64 8.59
C THR A 167 14.90 -7.00 8.52
N ILE A 168 15.69 -6.33 9.33
CA ILE A 168 17.11 -6.64 9.49
C ILE A 168 17.31 -7.30 10.85
N ILE A 169 18.02 -8.43 10.85
CA ILE A 169 18.35 -9.16 12.06
C ILE A 169 19.85 -9.06 12.27
N VAL A 170 20.25 -8.36 13.33
CA VAL A 170 21.65 -8.30 13.73
C VAL A 170 21.91 -9.46 14.67
N HIS A 171 22.96 -10.24 14.39
CA HIS A 171 23.34 -11.36 15.24
C HIS A 171 24.66 -11.04 15.91
N LEU A 172 24.61 -10.84 17.23
CA LEU A 172 25.80 -10.46 17.98
C LEU A 172 26.70 -11.68 18.19
N ASN A 173 28.00 -11.42 18.36
CA ASN A 173 28.95 -12.45 18.72
C ASN A 173 29.42 -12.36 20.16
N LYS A 174 28.91 -11.39 20.92
CA LYS A 174 29.26 -11.23 22.32
C LYS A 174 28.01 -10.80 23.08
N SER A 175 27.54 -11.65 23.97
CA SER A 175 26.32 -11.37 24.71
C SER A 175 26.51 -10.19 25.66
N VAL A 176 25.46 -9.39 25.82
CA VAL A 176 25.43 -8.29 26.76
C VAL A 176 24.26 -8.52 27.71
N GLU A 177 24.57 -8.70 29.00
CA GLU A 177 23.52 -8.99 29.98
C GLU A 177 22.60 -7.80 30.15
N ILE A 178 21.31 -8.09 30.25
CA ILE A 178 20.29 -7.10 30.60
C ILE A 178 19.57 -7.61 31.86
N ASN A 179 19.56 -6.80 32.91
CA ASN A 179 19.09 -7.20 34.24
C ASN A 179 17.87 -6.34 34.58
N CYS A 180 16.68 -6.92 34.45
CA CYS A 180 15.44 -6.21 34.67
C CYS A 180 14.85 -6.62 36.01
N THR A 181 14.22 -5.66 36.70
CA THR A 181 13.72 -5.93 38.04
C THR A 181 12.51 -5.06 38.34
N ARG A 182 11.48 -5.69 38.94
CA ARG A 182 10.41 -4.95 39.58
C ARG A 182 10.67 -4.99 41.08
N PRO A 183 11.07 -3.88 41.70
CA PRO A 183 11.43 -3.92 43.13
C PRO A 183 10.25 -4.34 43.99
N SER A 184 10.58 -5.00 45.11
CA SER A 184 9.58 -5.46 46.06
C SER A 184 9.23 -4.35 47.04
N ASN A 185 7.93 -4.22 47.32
CA ASN A 185 7.44 -3.22 48.28
C ASN A 185 6.01 -3.53 48.70
C GLY A 191 6.34 3.25 46.28
N GLY A 192 5.34 2.71 45.57
CA GLY A 192 4.18 3.48 45.20
C GLY A 192 3.50 2.98 43.95
N ASP A 193 4.30 2.57 42.97
CA ASP A 193 3.79 2.05 41.70
C ASP A 193 4.26 0.61 41.55
N ILE A 194 3.31 -0.33 41.67
CA ILE A 194 3.63 -1.75 41.58
C ILE A 194 4.03 -2.18 40.18
N ARG A 195 3.79 -1.35 39.17
CA ARG A 195 4.12 -1.67 37.79
C ARG A 195 5.37 -0.94 37.30
N LYS A 196 6.01 -0.15 38.16
CA LYS A 196 7.25 0.52 37.80
C LYS A 196 8.41 -0.48 37.83
N ALA A 197 9.19 -0.53 36.75
CA ALA A 197 10.29 -1.47 36.64
C ALA A 197 11.43 -0.80 35.88
N TYR A 198 12.56 -1.49 35.82
CA TYR A 198 13.73 -0.95 35.14
C TYR A 198 14.66 -2.10 34.77
N CYS A 199 15.39 -1.91 33.67
CA CYS A 199 16.44 -2.82 33.24
C CYS A 199 17.79 -2.12 33.34
N GLU A 200 18.83 -2.90 33.60
CA GLU A 200 20.18 -2.38 33.77
C GLU A 200 21.11 -3.10 32.80
N ILE A 201 21.89 -2.31 32.06
CA ILE A 201 22.84 -2.83 31.08
C ILE A 201 24.19 -2.15 31.33
N ASN A 202 25.26 -2.92 31.22
CA ASN A 202 26.61 -2.36 31.31
C ASN A 202 26.83 -1.45 30.10
N GLY A 203 26.78 -0.13 30.34
CA GLY A 203 26.90 0.81 29.24
C GLY A 203 28.23 0.74 28.52
N THR A 204 29.29 0.34 29.23
CA THR A 204 30.58 0.15 28.58
C THR A 204 30.55 -1.03 27.62
N LYS A 205 30.00 -2.16 28.06
CA LYS A 205 29.96 -3.34 27.20
C LYS A 205 28.98 -3.15 26.04
N TRP A 206 27.90 -2.40 26.26
CA TRP A 206 26.89 -2.25 25.23
C TRP A 206 27.34 -1.30 24.12
N ASN A 207 27.85 -0.12 24.49
CA ASN A 207 28.30 0.83 23.48
C ASN A 207 29.48 0.30 22.69
N LYS A 208 30.30 -0.57 23.29
CA LYS A 208 31.38 -1.21 22.55
C LYS A 208 30.82 -2.15 21.49
N VAL A 209 29.76 -2.88 21.83
CA VAL A 209 29.12 -3.76 20.86
C VAL A 209 28.31 -2.96 19.85
N LEU A 210 27.59 -1.94 20.32
CA LEU A 210 26.77 -1.13 19.42
C LEU A 210 27.63 -0.39 18.40
N LYS A 211 28.84 0.02 18.79
CA LYS A 211 29.75 0.60 17.81
C LYS A 211 30.18 -0.42 16.77
N GLN A 212 30.28 -1.69 17.16
CA GLN A 212 30.71 -2.72 16.23
C GLN A 212 29.62 -3.05 15.21
N VAL A 213 28.34 -2.97 15.61
CA VAL A 213 27.28 -3.24 14.65
C VAL A 213 27.14 -2.08 13.67
N THR A 214 27.45 -0.86 14.10
CA THR A 214 27.44 0.27 13.17
C THR A 214 28.58 0.15 12.16
N GLU A 215 29.74 -0.32 12.62
CA GLU A 215 30.85 -0.58 11.70
C GLU A 215 30.50 -1.70 10.72
N LYS A 216 29.75 -2.71 11.19
CA LYS A 216 29.36 -3.80 10.31
C LYS A 216 28.29 -3.33 9.32
N LEU A 217 27.37 -2.47 9.76
CA LEU A 217 26.39 -1.90 8.84
C LEU A 217 27.06 -0.98 7.83
N LYS A 218 28.14 -0.29 8.21
CA LYS A 218 28.86 0.54 7.26
C LYS A 218 29.46 -0.29 6.13
N GLU A 219 29.85 -1.53 6.42
CA GLU A 219 30.38 -2.41 5.38
C GLU A 219 29.31 -2.78 4.36
N HIS A 220 28.03 -2.64 4.71
CA HIS A 220 26.94 -2.98 3.82
C HIS A 220 26.30 -1.76 3.16
N PHE A 221 26.71 -0.55 3.52
CA PHE A 221 26.07 0.65 2.98
C PHE A 221 27.11 1.70 2.61
N ASN A 222 28.20 1.26 1.98
CA ASN A 222 29.17 2.15 1.33
C ASN A 222 29.75 3.17 2.30
N ASN A 223 30.01 2.74 3.54
CA ASN A 223 30.66 3.57 4.56
C ASN A 223 29.88 4.87 4.83
N LYS A 224 28.56 4.81 4.74
CA LYS A 224 27.74 5.97 5.06
C LYS A 224 27.59 6.11 6.58
N THR A 225 27.13 7.29 7.00
CA THR A 225 26.93 7.57 8.41
C THR A 225 25.74 6.77 8.93
N ILE A 226 25.96 5.95 9.95
CA ILE A 226 24.91 5.11 10.51
C ILE A 226 24.29 5.85 11.69
N ILE A 227 22.97 6.11 11.61
CA ILE A 227 22.24 6.85 12.62
C ILE A 227 21.11 5.98 13.14
N PHE A 228 20.95 5.96 14.46
CA PHE A 228 19.85 5.27 15.10
C PHE A 228 18.77 6.27 15.52
N GLN A 229 17.52 5.81 15.47
CA GLN A 229 16.37 6.61 15.85
C GLN A 229 15.33 5.71 16.50
N PRO A 230 14.52 6.25 17.40
CA PRO A 230 13.52 5.43 18.09
C PRO A 230 12.44 4.98 17.13
N PRO A 231 11.64 3.98 17.50
CA PRO A 231 10.53 3.56 16.64
C PRO A 231 9.59 4.73 16.34
N SER A 232 9.11 4.77 15.10
CA SER A 232 8.33 5.90 14.62
C SER A 232 6.84 5.81 14.95
N GLY A 233 6.36 4.65 15.38
CA GLY A 233 4.95 4.53 15.72
C GLY A 233 4.56 3.07 15.87
N GLY A 234 3.29 2.88 16.20
CA GLY A 234 2.73 1.56 16.40
C GLY A 234 2.39 1.31 17.86
N ASP A 235 2.06 0.06 18.14
CA ASP A 235 1.72 -0.34 19.50
C ASP A 235 2.90 -0.17 20.43
N LEU A 236 2.61 -0.14 21.74
CA LEU A 236 3.69 -0.09 22.72
C LEU A 236 4.54 -1.36 22.70
N GLU A 237 4.01 -2.47 22.17
CA GLU A 237 4.78 -3.70 22.10
C GLU A 237 5.96 -3.58 21.14
N ILE A 238 5.87 -2.68 20.16
CA ILE A 238 6.96 -2.51 19.20
C ILE A 238 7.73 -1.21 19.41
N THR A 239 7.09 -0.15 19.90
CA THR A 239 7.82 1.06 20.23
C THR A 239 8.65 0.93 21.49
N MET A 240 8.48 -0.15 22.25
CA MET A 240 9.25 -0.44 23.44
C MET A 240 9.84 -1.84 23.34
N HIS A 241 10.92 -2.08 24.07
CA HIS A 241 11.43 -3.44 24.22
C HIS A 241 10.43 -4.23 25.03
N HIS A 242 9.64 -5.06 24.35
CA HIS A 242 8.59 -5.83 24.99
C HIS A 242 9.06 -7.26 25.21
N PHE A 243 8.75 -7.79 26.39
CA PHE A 243 9.09 -9.17 26.74
C PHE A 243 8.25 -9.56 27.95
N ASN A 244 8.37 -10.83 28.35
CA ASN A 244 7.63 -11.36 29.49
C ASN A 244 8.59 -11.96 30.51
N CYS A 245 8.35 -11.67 31.78
CA CYS A 245 9.18 -12.13 32.87
C CYS A 245 8.28 -12.59 34.00
N ARG A 246 8.46 -13.83 34.44
CA ARG A 246 7.64 -14.43 35.51
C ARG A 246 6.15 -14.36 35.16
N GLY A 247 5.80 -14.49 33.90
CA GLY A 247 4.43 -14.33 33.46
C GLY A 247 3.95 -12.89 33.36
N GLU A 248 4.83 -11.92 33.63
CA GLU A 248 4.47 -10.51 33.59
C GLU A 248 5.01 -9.88 32.32
N PHE A 249 4.17 -9.09 31.64
CA PHE A 249 4.53 -8.47 30.37
C PHE A 249 5.17 -7.11 30.62
N PHE A 250 6.45 -7.00 30.27
CA PHE A 250 7.23 -5.79 30.47
C PHE A 250 7.23 -4.92 29.22
N TYR A 251 7.44 -3.62 29.42
CA TYR A 251 7.53 -2.64 28.35
C TYR A 251 8.62 -1.66 28.72
N CYS A 252 9.74 -1.69 27.99
CA CYS A 252 10.91 -0.89 28.34
C CYS A 252 11.29 0.07 27.23
N ASN A 253 11.60 1.30 27.62
CA ASN A 253 12.01 2.36 26.70
C ASN A 253 13.51 2.24 26.43
N THR A 254 13.88 2.18 25.15
CA THR A 254 15.26 1.87 24.77
C THR A 254 15.95 3.01 24.02
N THR A 255 15.48 4.26 24.20
CA THR A 255 16.18 5.36 23.53
C THR A 255 17.58 5.53 24.09
N GLN A 256 17.80 5.19 25.36
CA GLN A 256 19.15 5.25 25.92
C GLN A 256 20.04 4.13 25.38
N LEU A 257 19.45 3.08 24.83
CA LEU A 257 20.23 1.98 24.29
C LEU A 257 20.73 2.24 22.88
N PHE A 258 20.12 3.19 22.17
CA PHE A 258 20.56 3.54 20.82
C PHE A 258 20.92 5.02 20.79
N ASN A 259 21.92 5.40 21.59
CA ASN A 259 22.35 6.79 21.73
C ASN A 259 23.46 7.05 20.72
N ASN A 260 23.14 7.85 19.70
CA ASN A 260 24.12 8.11 18.64
C ASN A 260 25.34 8.84 19.16
N THR A 261 25.19 9.67 20.19
CA THR A 261 26.33 10.42 20.71
C THR A 261 27.35 9.53 21.40
N CYS A 262 26.94 8.35 21.86
CA CYS A 262 27.84 7.41 22.52
C CYS A 262 28.72 6.64 21.55
N ILE A 263 28.69 7.00 20.26
CA ILE A 263 29.55 6.36 19.26
C ILE A 263 30.40 7.42 18.57
N LYS A 269 32.72 12.10 27.21
CA LYS A 269 31.92 10.94 26.82
C LYS A 269 31.40 10.19 28.05
N GLY A 270 30.22 10.61 28.54
CA GLY A 270 29.60 9.94 29.66
C GLY A 270 28.80 8.73 29.26
N CYS A 271 29.48 7.71 28.72
CA CYS A 271 28.83 6.50 28.24
C CYS A 271 29.27 5.25 28.98
N ASN A 272 30.21 5.37 29.92
CA ASN A 272 30.75 4.19 30.60
C ASN A 272 29.87 3.71 31.75
N GLY A 273 28.94 4.54 32.22
CA GLY A 273 28.12 4.18 33.36
C GLY A 273 27.13 3.07 33.03
N THR A 274 26.25 2.82 34.00
CA THR A 274 25.20 1.81 33.86
C THR A 274 23.98 2.44 33.22
N ILE A 275 23.52 1.87 32.12
CA ILE A 275 22.32 2.35 31.45
C ILE A 275 21.10 1.76 32.16
N THR A 276 20.17 2.61 32.55
CA THR A 276 18.96 2.19 33.26
C THR A 276 17.75 2.57 32.42
N LEU A 277 17.07 1.56 31.86
CA LEU A 277 15.90 1.81 31.03
C LEU A 277 14.65 1.87 31.91
N PRO A 278 13.81 2.89 31.77
CA PRO A 278 12.54 2.91 32.51
C PRO A 278 11.55 1.94 31.88
N CYS A 279 11.03 1.02 32.69
CA CYS A 279 10.11 -0.01 32.22
C CYS A 279 8.78 0.12 32.95
N LYS A 280 7.77 -0.55 32.39
CA LYS A 280 6.47 -0.68 33.02
C LYS A 280 5.91 -2.06 32.73
N ILE A 281 5.30 -2.68 33.74
CA ILE A 281 4.52 -3.89 33.57
C ILE A 281 3.09 -3.50 33.26
N LYS A 282 2.54 -4.03 32.18
CA LYS A 282 1.17 -3.72 31.78
C LYS A 282 0.29 -4.97 31.90
N GLN A 283 -0.94 -4.76 32.39
CA GLN A 283 -1.93 -5.82 32.40
C GLN A 283 -2.62 -5.96 31.05
N ILE A 284 -2.93 -4.84 30.41
CA ILE A 284 -3.60 -4.83 29.12
C ILE A 284 -2.54 -4.78 28.02
N ILE A 285 -2.46 -5.85 27.23
CA ILE A 285 -1.43 -5.99 26.22
C ILE A 285 -2.07 -6.22 24.86
N ASN A 286 -1.29 -5.95 23.81
CA ASN A 286 -1.64 -6.35 22.46
C ASN A 286 -0.95 -7.67 22.16
N MET A 287 -1.73 -8.72 21.93
CA MET A 287 -1.17 -10.05 21.75
C MET A 287 -0.27 -10.10 20.53
N TRP A 288 0.95 -10.64 20.73
CA TRP A 288 1.91 -10.75 19.64
C TRP A 288 1.41 -11.67 18.53
N GLN A 289 0.47 -12.56 18.83
CA GLN A 289 -0.20 -13.32 17.78
C GLN A 289 -0.96 -12.43 16.81
N GLY A 290 -1.07 -11.13 17.11
CA GLY A 290 -1.82 -10.21 16.29
C GLY A 290 -3.32 -10.32 16.40
N THR A 291 -3.84 -11.07 17.37
CA THR A 291 -5.27 -11.38 17.42
C THR A 291 -6.08 -10.35 18.18
N GLY A 292 -5.45 -9.50 18.97
CA GLY A 292 -6.23 -8.46 19.61
C GLY A 292 -5.63 -8.05 20.94
N GLN A 293 -6.50 -7.58 21.82
CA GLN A 293 -6.13 -7.15 23.16
C GLN A 293 -6.38 -8.24 24.19
N ALA A 294 -5.60 -8.21 25.27
CA ALA A 294 -5.73 -9.17 26.35
C ALA A 294 -5.39 -8.48 27.67
N MET A 295 -6.28 -8.60 28.64
CA MET A 295 -6.07 -8.03 29.97
C MET A 295 -5.72 -9.15 30.95
N TYR A 296 -4.69 -8.92 31.76
CA TYR A 296 -4.23 -9.89 32.75
C TYR A 296 -4.40 -9.32 34.15
N ALA A 297 -4.08 -10.14 35.14
CA ALA A 297 -4.18 -9.75 36.53
C ALA A 297 -3.02 -8.83 36.91
N PRO A 298 -3.19 -8.04 37.97
CA PRO A 298 -2.09 -7.17 38.43
C PRO A 298 -0.85 -7.96 38.75
N PRO A 299 0.32 -7.32 38.73
CA PRO A 299 1.58 -8.07 38.93
C PRO A 299 1.64 -8.73 40.31
N ILE A 300 2.28 -9.90 40.35
CA ILE A 300 2.44 -10.63 41.60
C ILE A 300 3.33 -9.85 42.56
N ASP A 301 3.21 -10.18 43.84
CA ASP A 301 4.01 -9.54 44.86
C ASP A 301 5.44 -10.06 44.84
N GLY A 302 6.34 -9.32 45.47
CA GLY A 302 7.73 -9.71 45.55
C GLY A 302 8.57 -9.09 44.44
N LYS A 303 9.85 -9.47 44.43
CA LYS A 303 10.79 -8.98 43.43
C LYS A 303 10.68 -9.82 42.17
N ILE A 304 10.21 -9.22 41.09
CA ILE A 304 10.19 -9.85 39.77
C ILE A 304 11.51 -9.49 39.08
N ASN A 305 12.36 -10.48 38.85
CA ASN A 305 13.68 -10.22 38.27
C ASN A 305 13.99 -11.24 37.18
N CYS A 306 14.48 -10.76 36.05
CA CYS A 306 14.95 -11.61 34.97
C CYS A 306 16.27 -11.07 34.44
N VAL A 307 17.25 -11.94 34.33
CA VAL A 307 18.55 -11.62 33.74
C VAL A 307 18.65 -12.34 32.41
N SER A 308 18.76 -11.59 31.33
CA SER A 308 18.72 -12.15 29.99
C SER A 308 19.97 -11.80 29.21
N ASN A 309 20.32 -12.66 28.26
CA ASN A 309 21.37 -12.41 27.29
C ASN A 309 20.80 -11.63 26.12
N ILE A 310 21.38 -10.49 25.80
CA ILE A 310 21.09 -9.81 24.55
C ILE A 310 21.98 -10.42 23.48
N THR A 311 21.38 -11.18 22.56
CA THR A 311 22.11 -11.86 21.51
C THR A 311 21.76 -11.39 20.11
N GLY A 312 20.85 -10.44 19.97
CA GLY A 312 20.51 -9.94 18.65
C GLY A 312 19.67 -8.68 18.75
N ILE A 313 19.66 -7.94 17.64
CA ILE A 313 18.88 -6.71 17.53
C ILE A 313 18.02 -6.80 16.28
N LEU A 314 16.75 -6.42 16.41
CA LEU A 314 15.84 -6.32 15.27
C LEU A 314 15.77 -4.86 14.83
N LEU A 315 16.08 -4.61 13.55
CA LEU A 315 16.21 -3.25 13.04
C LEU A 315 15.32 -3.05 11.83
N THR A 316 15.05 -1.77 11.56
CA THR A 316 14.33 -1.34 10.37
C THR A 316 15.06 -0.12 9.81
N ARG A 317 15.26 -0.09 8.50
CA ARG A 317 16.00 0.98 7.83
C ARG A 317 15.04 1.90 7.10
N ASP A 318 15.30 3.20 7.19
CA ASP A 318 14.49 4.20 6.47
C ASP A 318 14.98 4.30 5.03
N GLY A 319 14.07 4.19 4.08
CA GLY A 319 14.45 4.32 2.69
C GLY A 319 14.71 5.77 2.31
N GLY A 320 14.89 5.97 1.02
CA GLY A 320 15.10 7.31 0.49
C GLY A 320 16.46 7.89 0.76
N ALA A 321 17.47 7.05 0.99
CA ALA A 321 18.84 7.51 1.24
C ALA A 321 19.72 7.30 0.01
N ASN A 322 19.17 7.46 -1.20
CA ASN A 322 19.91 7.28 -2.43
C ASN A 322 21.09 8.26 -2.51
N ASN A 323 20.80 9.53 -2.76
CA ASN A 323 21.83 10.56 -2.79
C ASN A 323 22.27 11.00 -1.39
N THR A 324 21.59 10.54 -0.35
CA THR A 324 21.97 10.89 1.01
C THR A 324 23.23 10.14 1.41
N SER A 325 24.04 10.78 2.27
CA SER A 325 25.28 10.21 2.74
C SER A 325 25.14 9.59 4.14
N ASN A 326 23.96 9.09 4.47
CA ASN A 326 23.74 8.45 5.77
C ASN A 326 22.54 7.51 5.68
N GLU A 327 22.44 6.63 6.68
CA GLU A 327 21.35 5.67 6.78
C GLU A 327 20.80 5.66 8.19
N THR A 328 19.48 5.63 8.31
CA THR A 328 18.78 5.67 9.58
C THR A 328 18.25 4.28 9.92
N PHE A 329 18.36 3.89 11.19
CA PHE A 329 17.95 2.57 11.64
C PHE A 329 17.10 2.69 12.90
N ARG A 330 15.97 2.00 12.93
CA ARG A 330 15.05 2.01 14.05
C ARG A 330 14.80 0.58 14.52
N PRO A 331 14.53 0.40 15.81
CA PRO A 331 14.26 -0.95 16.32
C PRO A 331 12.87 -1.42 15.92
N GLY A 332 12.81 -2.51 15.14
CA GLY A 332 11.62 -3.32 15.01
C GLY A 332 11.72 -4.50 15.96
N GLY A 333 10.76 -5.42 15.85
CA GLY A 333 9.60 -5.33 14.99
C GLY A 333 8.64 -6.42 15.46
N GLY A 334 7.34 -6.19 15.32
CA GLY A 334 6.37 -7.10 15.92
C GLY A 334 6.04 -8.36 15.16
N ASN A 335 6.97 -8.89 14.38
CA ASN A 335 6.77 -10.15 13.66
C ASN A 335 7.62 -11.20 14.36
N ILE A 336 6.98 -11.99 15.23
CA ILE A 336 7.71 -12.92 16.07
C ILE A 336 8.31 -14.07 15.27
N LYS A 337 7.84 -14.27 14.03
CA LYS A 337 8.47 -15.25 13.16
C LYS A 337 9.92 -14.90 12.87
N ASP A 338 10.29 -13.61 12.94
CA ASP A 338 11.69 -13.25 12.81
C ASP A 338 12.51 -13.75 13.98
N ASN A 339 11.89 -13.94 15.14
CA ASN A 339 12.63 -14.44 16.30
C ASN A 339 13.11 -15.86 16.08
N TRP A 340 12.25 -16.71 15.52
CA TRP A 340 12.66 -18.09 15.26
C TRP A 340 13.64 -18.16 14.11
N ARG A 341 13.55 -17.24 13.15
CA ARG A 341 14.52 -17.19 12.07
C ARG A 341 15.92 -16.91 12.61
N SER A 342 16.03 -16.17 13.71
CA SER A 342 17.33 -15.89 14.31
C SER A 342 18.01 -17.15 14.84
N GLU A 343 17.29 -18.26 14.92
CA GLU A 343 17.86 -19.53 15.35
C GLU A 343 17.73 -20.63 14.30
N LEU A 344 16.72 -20.56 13.43
CA LEU A 344 16.49 -21.56 12.40
C LEU A 344 17.17 -21.24 11.08
N TYR A 345 18.00 -20.19 11.04
CA TYR A 345 18.54 -19.73 9.77
C TYR A 345 19.44 -20.77 9.10
N LYS A 346 20.16 -21.55 9.89
CA LYS A 346 21.13 -22.50 9.36
C LYS A 346 20.52 -23.86 9.03
N TYR A 347 19.20 -24.02 9.15
CA TYR A 347 18.55 -25.30 8.97
C TYR A 347 17.61 -25.27 7.78
N LYS A 348 17.54 -26.39 7.07
CA LYS A 348 16.53 -26.58 6.03
C LYS A 348 16.22 -28.06 5.92
N VAL A 349 14.98 -28.37 5.55
CA VAL A 349 14.48 -29.74 5.50
C VAL A 349 14.57 -30.24 4.07
N VAL A 350 15.12 -31.44 3.89
CA VAL A 350 15.21 -32.07 2.57
C VAL A 350 14.67 -33.49 2.67
N GLN A 351 14.12 -33.97 1.57
CA GLN A 351 13.61 -35.34 1.48
C GLN A 351 14.67 -36.24 0.88
N ILE A 352 14.79 -37.44 1.42
CA ILE A 352 15.74 -38.42 0.91
C ILE A 352 15.16 -39.15 -0.31
N GLN B 1 -17.96 -13.67 2.75
CA GLN B 1 -17.81 -12.60 1.76
C GLN B 1 -16.80 -11.55 2.22
N VAL B 2 -15.60 -11.59 1.63
CA VAL B 2 -14.56 -10.63 1.97
C VAL B 2 -14.99 -9.24 1.51
N ARG B 3 -14.91 -8.27 2.42
CA ARG B 3 -15.38 -6.93 2.12
C ARG B 3 -14.67 -5.92 3.01
N LEU B 4 -14.56 -4.69 2.51
CA LEU B 4 -14.03 -3.55 3.26
C LEU B 4 -14.96 -2.37 3.03
N VAL B 5 -15.43 -1.77 4.12
CA VAL B 5 -16.37 -0.66 4.06
C VAL B 5 -15.68 0.60 4.56
N GLN B 6 -15.74 1.66 3.76
CA GLN B 6 -15.14 2.94 4.11
C GLN B 6 -16.21 3.94 4.51
N SER B 7 -15.78 4.99 5.19
CA SER B 7 -16.69 6.06 5.57
C SER B 7 -17.08 6.88 4.34
N GLY B 8 -18.11 7.70 4.50
CA GLY B 8 -18.69 8.40 3.38
C GLY B 8 -17.84 9.56 2.89
N GLY B 9 -18.29 10.14 1.77
CA GLY B 9 -17.58 11.26 1.20
C GLY B 9 -17.59 12.47 2.10
N GLN B 10 -16.55 13.30 1.97
CA GLN B 10 -16.36 14.46 2.82
C GLN B 10 -15.91 15.65 1.97
N VAL B 11 -16.28 16.85 2.42
CA VAL B 11 -15.82 18.10 1.84
C VAL B 11 -15.07 18.85 2.94
N ARG B 12 -13.82 19.20 2.68
CA ARG B 12 -12.97 19.85 3.66
C ARG B 12 -12.41 21.15 3.10
N LYS B 13 -12.22 22.12 3.98
CA LYS B 13 -11.58 23.37 3.61
C LYS B 13 -10.08 23.17 3.45
N PRO B 14 -9.43 23.99 2.62
CA PRO B 14 -7.97 23.94 2.55
C PRO B 14 -7.34 24.24 3.91
N GLY B 15 -6.33 23.45 4.27
CA GLY B 15 -5.71 23.55 5.56
C GLY B 15 -6.31 22.67 6.63
N ALA B 16 -7.51 22.14 6.40
CA ALA B 16 -8.16 21.26 7.36
C ALA B 16 -7.58 19.85 7.23
N SER B 17 -8.13 18.90 7.97
CA SER B 17 -7.71 17.51 7.89
C SER B 17 -8.95 16.63 7.78
N VAL B 18 -8.73 15.39 7.31
CA VAL B 18 -9.81 14.42 7.14
C VAL B 18 -9.32 13.06 7.64
N THR B 19 -10.22 12.33 8.29
CA THR B 19 -9.93 10.98 8.78
C THR B 19 -10.94 10.02 8.15
N ILE B 20 -10.45 8.98 7.49
CA ILE B 20 -11.29 8.00 6.82
C ILE B 20 -11.11 6.66 7.53
N SER B 21 -12.23 5.99 7.80
CA SER B 21 -12.20 4.67 8.41
C SER B 21 -12.37 3.58 7.37
N CYS B 22 -11.96 2.36 7.73
CA CYS B 22 -11.98 1.23 6.81
C CYS B 22 -12.29 -0.01 7.65
N GLU B 23 -13.54 -0.47 7.61
CA GLU B 23 -13.97 -1.58 8.44
C GLU B 23 -13.91 -2.88 7.64
N ALA B 24 -13.21 -3.87 8.16
CA ALA B 24 -13.10 -5.17 7.50
C ALA B 24 -14.26 -6.06 7.90
N ASP B 25 -14.51 -7.06 7.06
CA ASP B 25 -15.62 -7.97 7.27
C ASP B 25 -15.43 -9.18 6.35
N GLY B 26 -15.80 -10.35 6.85
CA GLY B 26 -15.76 -11.55 6.05
C GLY B 26 -14.44 -12.27 5.99
N TYR B 27 -13.41 -11.76 6.67
CA TYR B 27 -12.12 -12.44 6.70
C TYR B 27 -11.43 -12.13 8.02
N GLU B 28 -10.30 -12.80 8.23
CA GLU B 28 -9.52 -12.63 9.46
C GLU B 28 -8.69 -11.36 9.33
N PHE B 29 -9.15 -10.30 9.99
CA PHE B 29 -8.49 -9.00 9.92
C PHE B 29 -7.01 -9.03 10.32
N PRO B 30 -6.56 -9.80 11.31
CA PRO B 30 -5.12 -9.80 11.63
C PRO B 30 -4.22 -10.34 10.53
N ASP B 31 -4.76 -11.10 9.57
CA ASP B 31 -3.92 -11.82 8.62
C ASP B 31 -3.48 -10.98 7.43
N TYR B 32 -3.87 -9.71 7.34
CA TYR B 32 -3.57 -8.93 6.14
C TYR B 32 -3.20 -7.49 6.52
N TYR B 33 -2.12 -7.00 5.92
CA TYR B 33 -1.83 -5.57 5.99
C TYR B 33 -2.91 -4.78 5.27
N ILE B 34 -2.96 -3.49 5.53
CA ILE B 34 -3.94 -2.62 4.89
C ILE B 34 -3.21 -1.44 4.27
N HIS B 35 -3.39 -1.25 2.96
CA HIS B 35 -2.85 -0.12 2.24
C HIS B 35 -3.91 0.95 2.04
N TRP B 36 -3.44 2.17 1.78
CA TRP B 36 -4.31 3.28 1.40
C TRP B 36 -3.82 3.83 0.07
N VAL B 37 -4.72 3.91 -0.90
CA VAL B 37 -4.42 4.43 -2.23
C VAL B 37 -5.50 5.42 -2.60
N ARG B 38 -5.11 6.46 -3.34
CA ARG B 38 -6.06 7.45 -3.85
C ARG B 38 -5.94 7.56 -5.35
N LEU B 39 -7.03 7.98 -6.00
CA LEU B 39 -7.08 8.24 -7.42
C LEU B 39 -7.72 9.59 -7.66
N ALA B 40 -6.97 10.53 -8.23
CA ALA B 40 -7.49 11.84 -8.56
C ALA B 40 -8.00 11.87 -10.00
N ARG B 41 -8.71 12.93 -10.35
CA ARG B 41 -9.25 13.07 -11.70
C ARG B 41 -8.11 13.17 -12.70
N GLY B 42 -8.12 12.29 -13.70
CA GLY B 42 -7.11 12.30 -14.74
C GLY B 42 -5.71 11.98 -14.26
N ARG B 43 -5.58 11.04 -13.32
CA ARG B 43 -4.28 10.70 -12.76
C ARG B 43 -4.32 9.26 -12.28
N GLY B 44 -3.16 8.59 -12.37
CA GLY B 44 -3.06 7.22 -11.96
C GLY B 44 -3.11 7.09 -10.44
N PRO B 45 -3.27 5.85 -9.97
CA PRO B 45 -3.35 5.63 -8.52
C PRO B 45 -2.04 6.00 -7.83
N GLU B 46 -2.16 6.61 -6.66
CA GLU B 46 -1.02 7.03 -5.86
C GLU B 46 -1.07 6.28 -4.53
N TRP B 47 -0.02 5.50 -4.25
CA TRP B 47 0.05 4.73 -3.02
C TRP B 47 0.40 5.64 -1.84
N LEU B 48 -0.47 5.67 -0.83
CA LEU B 48 -0.30 6.59 0.29
C LEU B 48 0.50 5.95 1.43
N GLY B 49 0.13 4.74 1.82
CA GLY B 49 0.84 4.06 2.88
C GLY B 49 0.20 2.73 3.16
N LEU B 50 0.83 1.97 4.06
CA LEU B 50 0.33 0.68 4.47
C LEU B 50 0.44 0.54 5.98
N ILE B 51 -0.41 -0.30 6.55
CA ILE B 51 -0.45 -0.56 7.98
C ILE B 51 -0.15 -2.04 8.21
N LYS B 52 0.85 -2.31 9.06
CA LYS B 52 1.21 -3.69 9.40
C LYS B 52 0.31 -4.14 10.54
N VAL B 53 -0.94 -4.48 10.17
CA VAL B 53 -1.98 -4.62 11.19
C VAL B 53 -1.72 -5.81 12.10
N GLY B 54 -0.98 -6.82 11.62
CA GLY B 54 -0.72 -8.00 12.39
C GLY B 54 0.64 -8.06 13.05
N HIS B 55 1.47 -7.03 12.91
CA HIS B 55 2.83 -7.04 13.41
C HIS B 55 3.15 -5.74 14.13
N GLY B 56 2.27 -5.35 15.06
CA GLY B 56 2.49 -4.20 15.90
C GLY B 56 1.74 -2.95 15.50
N GLY B 57 1.06 -2.96 14.35
CA GLY B 57 0.30 -1.81 13.93
C GLY B 57 1.11 -0.65 13.39
N GLY B 58 2.42 -0.81 13.22
CA GLY B 58 3.22 0.25 12.64
C GLY B 58 2.82 0.56 11.21
N ALA B 59 3.21 1.74 10.75
CA ALA B 59 2.84 2.21 9.43
C ALA B 59 4.06 2.77 8.70
N MET B 60 4.07 2.59 7.39
CA MET B 60 5.05 3.20 6.51
C MET B 60 4.31 4.08 5.52
N TYR B 61 4.74 5.33 5.41
CA TYR B 61 4.05 6.31 4.59
C TYR B 61 4.86 6.64 3.34
N ALA B 62 4.18 7.24 2.37
CA ALA B 62 4.85 7.67 1.16
C ALA B 62 5.70 8.91 1.44
N PRO B 63 6.89 9.01 0.85
CA PRO B 63 7.78 10.14 1.18
C PRO B 63 7.15 11.51 1.01
N SER B 64 6.35 11.70 -0.05
CA SER B 64 5.75 13.01 -0.29
C SER B 64 4.68 13.37 0.72
N LEU B 65 4.27 12.44 1.58
CA LEU B 65 3.24 12.70 2.58
C LEU B 65 3.72 12.58 4.01
N GLN B 66 4.95 12.14 4.25
CA GLN B 66 5.44 11.98 5.61
C GLN B 66 5.44 13.33 6.32
N GLY B 67 4.82 13.37 7.49
CA GLY B 67 4.56 14.59 8.21
C GLY B 67 3.13 15.10 8.07
N ARG B 68 2.40 14.66 7.05
CA ARG B 68 1.02 15.05 6.83
C ARG B 68 0.02 13.92 7.03
N ILE B 69 0.42 12.68 6.79
CA ILE B 69 -0.50 11.55 6.81
C ILE B 69 -0.19 10.66 8.01
N SER B 70 -1.24 10.05 8.55
CA SER B 70 -1.13 9.19 9.72
C SER B 70 -2.11 8.03 9.59
N MET B 71 -1.64 6.83 9.89
CA MET B 71 -2.44 5.62 9.75
C MET B 71 -2.28 4.76 10.99
N SER B 72 -3.35 4.05 11.34
CA SER B 72 -3.33 3.15 12.49
C SER B 72 -4.44 2.13 12.30
N ARG B 73 -4.54 1.23 13.28
CA ARG B 73 -5.44 0.09 13.17
C ARG B 73 -5.87 -0.33 14.57
N ASP B 74 -7.13 -0.77 14.69
CA ASP B 74 -7.64 -1.39 15.90
C ASP B 74 -8.16 -2.77 15.54
N ILE B 75 -7.61 -3.81 16.18
CA ILE B 75 -7.93 -5.17 15.81
C ILE B 75 -9.28 -5.60 16.37
N HIS B 76 -9.62 -5.14 17.58
CA HIS B 76 -10.87 -5.57 18.20
C HIS B 76 -12.08 -5.04 17.44
N THR B 77 -11.97 -3.88 16.81
CA THR B 77 -13.07 -3.35 16.04
C THR B 77 -12.87 -3.50 14.53
N THR B 78 -11.79 -4.18 14.13
CA THR B 78 -11.50 -4.52 12.73
C THR B 78 -11.60 -3.30 11.81
N THR B 79 -10.97 -2.21 12.24
CA THR B 79 -11.02 -0.95 11.52
C THR B 79 -9.60 -0.41 11.34
N ALA B 80 -9.30 0.03 10.13
CA ALA B 80 -8.09 0.78 9.83
C ALA B 80 -8.46 2.24 9.59
N TYR B 81 -7.53 3.12 9.91
CA TYR B 81 -7.78 4.55 9.82
C TYR B 81 -6.67 5.24 9.04
N MET B 82 -7.01 6.39 8.48
CA MET B 82 -6.08 7.23 7.74
C MET B 82 -6.45 8.68 8.00
N THR B 83 -5.47 9.50 8.34
CA THR B 83 -5.69 10.93 8.56
C THR B 83 -4.69 11.72 7.73
N LEU B 84 -5.19 12.63 6.90
CA LEU B 84 -4.36 13.50 6.07
C LEU B 84 -4.61 14.94 6.47
N GLN B 85 -3.57 15.63 6.92
CA GLN B 85 -3.64 17.01 7.40
C GLN B 85 -3.18 17.98 6.33
N ARG B 86 -3.38 19.27 6.61
CA ARG B 86 -3.01 20.36 5.70
C ARG B 86 -3.50 20.09 4.29
N LEU B 87 -4.80 19.76 4.19
CA LEU B 87 -5.38 19.40 2.90
C LEU B 87 -5.26 20.54 1.90
N THR B 88 -4.82 20.21 0.69
CA THR B 88 -4.65 21.15 -0.40
C THR B 88 -5.58 20.76 -1.55
N HIS B 89 -5.58 21.59 -2.60
CA HIS B 89 -6.42 21.29 -3.76
C HIS B 89 -6.02 19.98 -4.42
N ASP B 90 -4.73 19.62 -4.36
CA ASP B 90 -4.26 18.40 -4.99
C ASP B 90 -4.76 17.15 -4.27
N ASP B 91 -5.12 17.26 -3.01
CA ASP B 91 -5.60 16.13 -2.21
C ASP B 91 -7.02 15.71 -2.57
N THR B 92 -7.67 16.40 -3.51
CA THR B 92 -9.01 16.01 -3.95
C THR B 92 -8.91 14.74 -4.78
N ALA B 93 -9.49 13.65 -4.27
CA ALA B 93 -9.43 12.36 -4.94
C ALA B 93 -10.34 11.38 -4.22
N THR B 94 -10.50 10.20 -4.81
CA THR B 94 -11.19 9.10 -4.18
C THR B 94 -10.16 8.24 -3.45
N TYR B 95 -10.32 8.09 -2.15
CA TYR B 95 -9.35 7.39 -1.31
C TYR B 95 -9.83 5.97 -1.05
N TYR B 96 -8.94 5.00 -1.24
CA TYR B 96 -9.26 3.59 -1.11
C TYR B 96 -8.39 2.94 -0.04
N CYS B 97 -8.96 1.96 0.65
CA CYS B 97 -8.19 1.04 1.47
C CYS B 97 -8.24 -0.36 0.85
N SER B 98 -7.18 -1.13 1.06
CA SER B 98 -7.12 -2.48 0.50
C SER B 98 -6.27 -3.37 1.40
N ARG B 99 -6.63 -4.65 1.45
CA ARG B 99 -5.88 -5.64 2.20
C ARG B 99 -4.80 -6.27 1.32
N ASP B 100 -3.77 -6.82 1.96
CA ASP B 100 -2.64 -7.39 1.26
C ASP B 100 -1.89 -8.35 2.17
N ASN B 101 -1.58 -9.55 1.65
CA ASN B 101 -0.76 -10.49 2.40
C ASN B 101 0.63 -9.91 2.65
N PHE B 102 1.16 -9.17 1.66
CA PHE B 102 2.46 -8.52 1.75
C PHE B 102 3.59 -9.50 2.09
N GLY B 103 3.52 -10.72 1.54
CA GLY B 103 4.56 -11.70 1.80
C GLY B 103 4.71 -12.17 3.23
N THR B 104 3.80 -11.81 4.14
CA THR B 104 3.96 -12.22 5.53
C THR B 104 3.66 -13.70 5.73
N ARG B 105 2.65 -14.23 5.04
CA ARG B 105 2.23 -15.60 5.22
C ARG B 105 2.32 -16.38 3.90
N PRO B 106 2.71 -17.65 3.95
CA PRO B 106 2.60 -18.52 2.76
C PRO B 106 1.22 -19.13 2.66
N VAL B 107 0.28 -18.35 2.13
CA VAL B 107 -1.11 -18.78 2.03
C VAL B 107 -1.17 -19.95 1.05
N PRO B 108 -2.04 -20.94 1.28
CA PRO B 108 -2.00 -22.16 0.44
C PRO B 108 -2.35 -21.85 -1.00
N GLY B 109 -1.53 -22.36 -1.92
CA GLY B 109 -1.72 -22.18 -3.34
C GLY B 109 -1.18 -20.89 -3.91
N ARG B 110 -0.67 -19.98 -3.08
CA ARG B 110 -0.20 -18.68 -3.55
C ARG B 110 1.16 -18.26 -3.01
N GLY B 111 1.65 -18.88 -1.93
CA GLY B 111 2.96 -18.55 -1.42
C GLY B 111 2.99 -17.21 -0.71
N TYR B 112 4.22 -16.72 -0.49
CA TYR B 112 4.46 -15.43 0.17
C TYR B 112 4.20 -14.31 -0.83
N TYR B 113 2.93 -14.18 -1.22
CA TYR B 113 2.59 -13.32 -2.34
C TYR B 113 2.31 -11.89 -1.87
N TYR B 114 2.44 -10.97 -2.82
CA TYR B 114 2.14 -9.55 -2.62
C TYR B 114 1.03 -9.16 -3.60
N GLY B 115 0.03 -8.44 -3.10
CA GLY B 115 -1.04 -8.00 -3.96
C GLY B 115 -2.27 -7.51 -3.21
N MET B 116 -2.72 -6.30 -3.55
CA MET B 116 -3.94 -5.73 -2.96
C MET B 116 -5.13 -6.32 -3.69
N ASP B 117 -5.73 -7.36 -3.13
CA ASP B 117 -6.77 -8.12 -3.83
C ASP B 117 -8.18 -7.65 -3.50
N VAL B 118 -8.41 -7.08 -2.32
CA VAL B 118 -9.73 -6.64 -1.89
C VAL B 118 -9.64 -5.18 -1.50
N TRP B 119 -10.55 -4.37 -2.03
CA TRP B 119 -10.52 -2.93 -1.89
C TRP B 119 -11.84 -2.44 -1.31
N GLY B 120 -11.78 -1.38 -0.53
CA GLY B 120 -12.99 -0.70 -0.09
C GLY B 120 -13.68 0.01 -1.24
N GLN B 121 -14.91 0.47 -0.98
CA GLN B 121 -15.70 1.08 -2.04
C GLN B 121 -15.22 2.48 -2.40
N GLY B 122 -14.34 3.06 -1.61
CA GLY B 122 -13.76 4.35 -1.92
C GLY B 122 -14.45 5.48 -1.19
N THR B 123 -13.66 6.50 -0.84
CA THR B 123 -14.16 7.69 -0.17
C THR B 123 -13.75 8.91 -0.97
N ALA B 124 -14.72 9.75 -1.32
CA ALA B 124 -14.46 10.96 -2.07
C ALA B 124 -14.16 12.10 -1.11
N ILE B 125 -12.95 12.65 -1.19
CA ILE B 125 -12.54 13.80 -0.40
C ILE B 125 -12.42 14.99 -1.34
N ILE B 126 -13.23 16.02 -1.10
CA ILE B 126 -13.28 17.20 -1.95
C ILE B 126 -12.74 18.37 -1.14
N VAL B 127 -11.53 18.82 -1.49
CA VAL B 127 -10.92 19.96 -0.82
C VAL B 127 -11.25 21.21 -1.61
N SER B 128 -11.99 22.13 -0.99
CA SER B 128 -12.42 23.34 -1.67
C SER B 128 -12.82 24.38 -0.62
N SER B 129 -12.79 25.65 -1.03
CA SER B 129 -13.25 26.74 -0.19
C SER B 129 -14.70 27.12 -0.46
N ALA B 130 -15.28 26.64 -1.56
CA ALA B 130 -16.63 27.04 -1.93
C ALA B 130 -17.67 26.31 -1.10
N SER B 131 -18.85 26.91 -1.02
CA SER B 131 -20.00 26.29 -0.38
C SER B 131 -20.98 25.82 -1.45
N THR B 132 -22.02 25.12 -1.00
CA THR B 132 -23.02 24.58 -1.91
C THR B 132 -23.64 25.68 -2.76
N LYS B 133 -23.40 25.64 -4.06
CA LYS B 133 -23.86 26.67 -4.98
C LYS B 133 -24.50 26.02 -6.20
N GLY B 134 -25.66 26.53 -6.59
CA GLY B 134 -26.34 26.04 -7.77
C GLY B 134 -25.67 26.51 -9.04
N PRO B 135 -25.91 25.80 -10.14
CA PRO B 135 -25.28 26.16 -11.41
C PRO B 135 -26.05 27.24 -12.16
N SER B 136 -25.32 27.97 -12.99
CA SER B 136 -25.90 28.93 -13.92
C SER B 136 -25.70 28.38 -15.32
N VAL B 137 -26.80 28.06 -15.99
CA VAL B 137 -26.75 27.38 -17.28
C VAL B 137 -26.74 28.41 -18.40
N PHE B 138 -25.75 28.31 -19.28
CA PHE B 138 -25.59 29.19 -20.42
C PHE B 138 -25.74 28.39 -21.71
N PRO B 139 -26.25 29.00 -22.78
CA PRO B 139 -26.48 28.26 -24.02
C PRO B 139 -25.24 28.20 -24.90
N LEU B 140 -25.06 27.05 -25.54
CA LEU B 140 -24.10 26.87 -26.63
C LEU B 140 -24.94 26.87 -27.92
N ALA B 141 -25.10 28.04 -28.51
CA ALA B 141 -26.07 28.21 -29.59
C ALA B 141 -25.50 27.70 -30.92
N PRO B 142 -26.31 27.02 -31.72
CA PRO B 142 -25.86 26.59 -33.04
C PRO B 142 -26.00 27.70 -34.07
N SER B 143 -25.11 27.67 -35.06
CA SER B 143 -25.11 28.68 -36.12
C SER B 143 -24.24 28.23 -37.29
N SER B 144 -23.82 29.19 -38.13
CA SER B 144 -22.92 28.88 -39.23
C SER B 144 -21.61 28.28 -38.73
N LYS B 145 -21.06 28.84 -37.64
CA LYS B 145 -19.85 28.31 -37.03
C LYS B 145 -20.09 27.02 -36.26
N SER B 146 -21.33 26.51 -36.28
CA SER B 146 -21.67 25.27 -35.59
C SER B 146 -22.34 24.25 -36.52
N THR B 147 -22.44 24.55 -37.81
CA THR B 147 -23.02 23.65 -38.78
C THR B 147 -21.94 23.14 -39.74
N SER B 148 -22.11 21.90 -40.20
CA SER B 148 -21.15 21.28 -41.11
C SER B 148 -21.84 20.13 -41.83
N GLY B 149 -22.39 20.42 -43.02
CA GLY B 149 -22.94 19.39 -43.88
C GLY B 149 -24.13 18.63 -43.29
N GLY B 150 -25.27 19.32 -43.16
CA GLY B 150 -26.52 18.72 -42.74
C GLY B 150 -26.70 18.56 -41.24
N THR B 151 -25.61 18.46 -40.48
CA THR B 151 -25.69 18.29 -39.05
C THR B 151 -25.27 19.57 -38.33
N ALA B 152 -25.89 19.82 -37.18
CA ALA B 152 -25.63 21.01 -36.39
C ALA B 152 -25.36 20.61 -34.94
N ALA B 153 -24.56 21.41 -34.25
CA ALA B 153 -24.17 21.14 -32.87
C ALA B 153 -24.64 22.26 -31.98
N LEU B 154 -25.27 21.89 -30.85
CA LEU B 154 -25.70 22.84 -29.84
C LEU B 154 -25.50 22.20 -28.48
N GLY B 155 -25.61 23.00 -27.43
CA GLY B 155 -25.41 22.46 -26.09
C GLY B 155 -25.67 23.48 -25.01
N CYS B 156 -25.26 23.11 -23.80
CA CYS B 156 -25.41 23.94 -22.61
C CYS B 156 -24.12 23.97 -21.82
N LEU B 157 -23.82 25.12 -21.24
CA LEU B 157 -22.65 25.30 -20.38
C LEU B 157 -23.15 25.36 -18.94
N VAL B 158 -22.85 24.33 -18.17
CA VAL B 158 -23.26 24.25 -16.77
C VAL B 158 -22.04 24.65 -15.95
N LYS B 159 -21.95 25.93 -15.59
CA LYS B 159 -20.78 26.50 -14.96
C LYS B 159 -21.08 26.99 -13.55
N ASP B 160 -20.06 26.91 -12.69
CA ASP B 160 -20.06 27.52 -11.36
C ASP B 160 -21.10 26.87 -10.44
N TYR B 161 -20.90 25.58 -10.20
CA TYR B 161 -21.69 24.88 -9.20
C TYR B 161 -20.76 24.10 -8.29
N PHE B 162 -21.30 23.73 -7.13
CA PHE B 162 -20.58 22.97 -6.12
C PHE B 162 -21.55 22.36 -5.11
N PRO B 163 -21.36 21.10 -4.74
CA PRO B 163 -20.32 20.21 -5.31
C PRO B 163 -20.88 19.35 -6.43
N GLU B 164 -20.14 18.32 -6.80
CA GLU B 164 -20.65 17.32 -7.71
C GLU B 164 -21.81 16.56 -7.05
N PRO B 165 -22.73 16.01 -7.84
CA PRO B 165 -22.79 16.08 -9.30
C PRO B 165 -23.98 16.86 -9.85
N VAL B 166 -23.96 17.09 -11.16
CA VAL B 166 -25.13 17.56 -11.89
C VAL B 166 -25.51 16.48 -12.90
N THR B 167 -26.81 16.30 -13.10
CA THR B 167 -27.33 15.43 -14.13
C THR B 167 -27.94 16.29 -15.22
N VAL B 168 -27.59 15.99 -16.46
CA VAL B 168 -28.05 16.76 -17.61
C VAL B 168 -28.81 15.83 -18.54
N SER B 169 -30.02 16.22 -18.91
CA SER B 169 -30.81 15.53 -19.92
C SER B 169 -31.24 16.54 -20.97
N TRP B 170 -31.78 16.02 -22.07
CA TRP B 170 -32.25 16.86 -23.17
C TRP B 170 -33.69 16.50 -23.51
N ASN B 171 -34.55 17.51 -23.56
CA ASN B 171 -35.96 17.33 -23.87
C ASN B 171 -36.61 16.30 -22.94
N SER B 172 -36.27 16.41 -21.65
CA SER B 172 -36.85 15.57 -20.59
C SER B 172 -36.55 14.09 -20.82
N GLY B 173 -35.42 13.77 -21.44
CA GLY B 173 -35.04 12.40 -21.69
C GLY B 173 -35.44 11.86 -23.04
N ALA B 174 -36.26 12.58 -23.81
CA ALA B 174 -36.68 12.12 -25.13
C ALA B 174 -35.58 12.27 -26.18
N LEU B 175 -34.46 12.91 -25.84
CA LEU B 175 -33.37 13.14 -26.77
C LEU B 175 -32.10 12.56 -26.14
N THR B 176 -31.56 11.50 -26.74
CA THR B 176 -30.34 10.89 -26.24
C THR B 176 -29.34 10.65 -27.37
N SER B 177 -29.83 10.35 -28.57
CA SER B 177 -28.96 10.06 -29.70
C SER B 177 -28.18 11.31 -30.10
N GLY B 178 -26.85 11.22 -30.04
CA GLY B 178 -25.98 12.34 -30.34
C GLY B 178 -25.54 13.16 -29.15
N VAL B 179 -25.96 12.79 -27.94
CA VAL B 179 -25.64 13.57 -26.74
C VAL B 179 -24.25 13.20 -26.25
N HIS B 180 -23.51 14.20 -25.77
CA HIS B 180 -22.20 13.99 -25.15
C HIS B 180 -22.10 14.94 -23.95
N THR B 181 -22.36 14.41 -22.76
CA THR B 181 -22.20 15.17 -21.53
C THR B 181 -20.78 14.95 -21.00
N PHE B 182 -20.01 16.03 -20.92
CA PHE B 182 -18.60 15.90 -20.60
C PHE B 182 -18.38 15.81 -19.09
N PRO B 183 -17.29 15.16 -18.66
CA PRO B 183 -16.96 15.16 -17.24
C PRO B 183 -16.67 16.56 -16.74
N ALA B 184 -17.09 16.83 -15.51
CA ALA B 184 -16.89 18.14 -14.91
C ALA B 184 -15.43 18.34 -14.51
N VAL B 185 -14.92 19.54 -14.74
CA VAL B 185 -13.55 19.91 -14.39
C VAL B 185 -13.62 20.94 -13.26
N LEU B 186 -12.91 20.67 -12.16
CA LEU B 186 -12.91 21.57 -11.01
C LEU B 186 -12.10 22.82 -11.34
N GLN B 187 -12.78 23.93 -11.54
CA GLN B 187 -12.14 25.19 -11.90
C GLN B 187 -11.23 25.68 -10.78
N SER B 188 -10.38 26.65 -11.10
CA SER B 188 -9.52 27.26 -10.09
C SER B 188 -10.32 27.99 -9.02
N SER B 189 -11.56 28.36 -9.30
CA SER B 189 -12.42 29.02 -8.32
C SER B 189 -12.93 28.06 -7.26
N GLY B 190 -12.72 26.76 -7.42
CA GLY B 190 -13.30 25.77 -6.53
C GLY B 190 -14.67 25.28 -6.93
N LEU B 191 -15.23 25.82 -8.00
CA LEU B 191 -16.54 25.41 -8.50
C LEU B 191 -16.37 24.52 -9.72
N TYR B 192 -17.24 23.52 -9.83
CA TYR B 192 -17.19 22.63 -10.98
C TYR B 192 -17.81 23.30 -12.20
N SER B 193 -17.60 22.68 -13.36
CA SER B 193 -18.17 23.16 -14.61
C SER B 193 -18.08 22.05 -15.64
N LEU B 194 -19.14 21.92 -16.45
CA LEU B 194 -19.12 20.98 -17.57
C LEU B 194 -20.01 21.51 -18.68
N SER B 195 -19.89 20.89 -19.85
CA SER B 195 -20.75 21.17 -20.99
C SER B 195 -21.41 19.89 -21.46
N SER B 196 -22.63 20.02 -21.95
CA SER B 196 -23.37 18.92 -22.56
C SER B 196 -23.77 19.37 -23.94
N VAL B 197 -23.38 18.61 -24.96
CA VAL B 197 -23.63 18.96 -26.35
C VAL B 197 -24.41 17.84 -27.01
N VAL B 198 -25.01 18.15 -28.16
CA VAL B 198 -25.76 17.19 -28.95
C VAL B 198 -25.73 17.64 -30.40
N THR B 199 -25.60 16.67 -31.31
CA THR B 199 -25.63 16.92 -32.74
C THR B 199 -27.00 16.55 -33.31
N VAL B 200 -27.60 17.47 -34.05
CA VAL B 200 -28.93 17.27 -34.62
C VAL B 200 -28.88 17.66 -36.09
N PRO B 201 -29.85 17.20 -36.88
CA PRO B 201 -29.92 17.65 -38.28
C PRO B 201 -30.11 19.15 -38.37
N SER B 202 -29.41 19.76 -39.33
CA SER B 202 -29.48 21.21 -39.50
C SER B 202 -30.88 21.66 -39.91
N SER B 203 -31.61 20.81 -40.64
CA SER B 203 -32.97 21.17 -41.05
C SER B 203 -33.92 21.25 -39.87
N SER B 204 -33.63 20.56 -38.77
CA SER B 204 -34.50 20.56 -37.60
C SER B 204 -34.31 21.77 -36.71
N LEU B 205 -33.32 22.64 -37.00
CA LEU B 205 -33.08 23.79 -36.15
C LEU B 205 -34.24 24.78 -36.15
N GLY B 206 -35.06 24.78 -37.20
CA GLY B 206 -36.18 25.68 -37.32
C GLY B 206 -37.54 25.09 -37.00
N THR B 207 -37.60 23.85 -36.54
CA THR B 207 -38.89 23.22 -36.26
C THR B 207 -38.91 22.52 -34.91
N GLN B 208 -37.75 22.13 -34.40
CA GLN B 208 -37.66 21.37 -33.16
C GLN B 208 -37.07 22.23 -32.05
N THR B 209 -37.68 22.16 -30.87
CA THR B 209 -37.19 22.86 -29.69
C THR B 209 -36.22 21.97 -28.93
N TYR B 210 -35.07 22.54 -28.55
CA TYR B 210 -34.03 21.83 -27.83
C TYR B 210 -33.83 22.48 -26.47
N ILE B 211 -34.18 21.76 -25.41
CA ILE B 211 -34.06 22.26 -24.04
C ILE B 211 -33.22 21.27 -23.25
N CYS B 212 -32.13 21.75 -22.66
CA CYS B 212 -31.35 20.94 -21.76
C CYS B 212 -31.87 21.10 -20.34
N ASN B 213 -31.99 19.98 -19.63
CA ASN B 213 -32.53 19.96 -18.27
C ASN B 213 -31.41 19.66 -17.31
N VAL B 214 -31.10 20.61 -16.44
CA VAL B 214 -30.01 20.50 -15.49
C VAL B 214 -30.60 20.34 -14.10
N ASN B 215 -30.14 19.33 -13.38
CA ASN B 215 -30.53 19.10 -11.99
C ASN B 215 -29.29 19.04 -11.13
N HIS B 216 -29.31 19.77 -10.01
CA HIS B 216 -28.21 19.78 -9.05
C HIS B 216 -28.79 19.45 -7.68
N LYS B 217 -28.83 18.17 -7.34
CA LYS B 217 -29.38 17.72 -6.07
C LYS B 217 -28.76 18.39 -4.84
N PRO B 218 -27.45 18.62 -4.75
CA PRO B 218 -26.91 19.26 -3.54
C PRO B 218 -27.51 20.62 -3.23
N SER B 219 -27.68 21.48 -4.24
CA SER B 219 -28.25 22.81 -4.03
C SER B 219 -29.76 22.84 -4.26
N ASN B 220 -30.36 21.72 -4.63
CA ASN B 220 -31.78 21.66 -4.98
C ASN B 220 -32.11 22.69 -6.07
N THR B 221 -31.34 22.63 -7.16
CA THR B 221 -31.50 23.54 -8.28
C THR B 221 -31.85 22.74 -9.52
N LYS B 222 -32.88 23.17 -10.24
CA LYS B 222 -33.29 22.56 -11.49
C LYS B 222 -33.47 23.66 -12.52
N VAL B 223 -32.74 23.56 -13.64
CA VAL B 223 -32.76 24.58 -14.68
C VAL B 223 -33.06 23.91 -16.00
N ASP B 224 -34.00 24.48 -16.75
CA ASP B 224 -34.28 24.09 -18.12
C ASP B 224 -33.87 25.23 -19.04
N LYS B 225 -32.89 24.99 -19.90
CA LYS B 225 -32.33 26.01 -20.77
C LYS B 225 -32.73 25.71 -22.21
N ARG B 226 -33.54 26.59 -22.80
CA ARG B 226 -33.88 26.47 -24.20
C ARG B 226 -32.75 27.07 -25.04
N VAL B 227 -32.19 26.26 -25.93
CA VAL B 227 -31.07 26.67 -26.77
C VAL B 227 -31.60 27.00 -28.15
N GLU B 228 -31.41 28.25 -28.58
CA GLU B 228 -31.89 28.76 -29.86
C GLU B 228 -30.72 29.10 -30.78
N PRO B 229 -30.93 29.04 -32.10
CA PRO B 229 -29.87 29.43 -33.03
C PRO B 229 -29.50 30.90 -32.85
N LYS B 230 -28.20 31.18 -32.99
CA LYS B 230 -27.68 32.52 -32.78
C LYS B 230 -27.43 33.24 -34.10
N GLU C 1 15.53 3.95 -5.60
CA GLU C 1 14.19 3.38 -5.61
C GLU C 1 13.86 2.70 -6.94
N ILE C 2 12.58 2.62 -7.25
CA ILE C 2 12.11 2.00 -8.49
C ILE C 2 11.25 3.02 -9.25
N VAL C 3 11.48 3.14 -10.55
CA VAL C 3 10.71 4.00 -11.43
C VAL C 3 10.03 3.11 -12.46
N LEU C 4 8.71 3.19 -12.54
CA LEU C 4 7.94 2.35 -13.44
C LEU C 4 7.57 3.12 -14.70
N THR C 5 7.73 2.44 -15.85
CA THR C 5 7.41 3.01 -17.15
C THR C 5 6.54 2.03 -17.91
N GLN C 6 5.41 2.51 -18.43
CA GLN C 6 4.49 1.70 -19.21
C GLN C 6 4.40 2.23 -20.63
N SER C 7 4.42 1.32 -21.60
CA SER C 7 4.27 1.69 -23.00
C SER C 7 3.42 0.62 -23.67
N PRO C 8 2.55 1.01 -24.62
CA PRO C 8 2.33 2.40 -25.02
C PRO C 8 1.40 3.15 -24.08
N GLY C 9 1.25 4.45 -24.31
CA GLY C 9 0.24 5.20 -23.57
C GLY C 9 -1.16 4.71 -23.86
N ILE C 10 -1.47 4.51 -25.14
CA ILE C 10 -2.75 4.00 -25.60
C ILE C 10 -2.48 2.80 -26.49
N LEU C 11 -3.09 1.66 -26.17
CA LEU C 11 -3.00 0.46 -26.98
C LEU C 11 -4.36 0.22 -27.63
N SER C 12 -4.40 0.25 -28.95
CA SER C 12 -5.64 0.24 -29.72
C SER C 12 -5.77 -1.08 -30.47
N LEU C 13 -6.72 -1.90 -30.05
CA LEU C 13 -6.95 -3.20 -30.66
C LEU C 13 -8.44 -3.45 -30.77
N ALA C 14 -8.80 -4.39 -31.68
CA ALA C 14 -10.18 -4.79 -31.90
C ALA C 14 -10.58 -5.89 -30.92
N PRO C 15 -11.86 -5.97 -30.56
CA PRO C 15 -12.30 -7.04 -29.64
C PRO C 15 -12.06 -8.41 -30.25
N GLY C 16 -11.20 -9.18 -29.60
CA GLY C 16 -10.79 -10.49 -30.08
C GLY C 16 -9.30 -10.60 -30.35
N GLU C 17 -8.60 -9.49 -30.51
CA GLU C 17 -7.16 -9.49 -30.75
C GLU C 17 -6.41 -9.74 -29.45
N ARG C 18 -5.12 -10.06 -29.59
CA ARG C 18 -4.24 -10.26 -28.45
C ARG C 18 -3.60 -8.93 -28.05
N ALA C 19 -3.51 -8.70 -26.75
CA ALA C 19 -2.95 -7.47 -26.20
C ALA C 19 -1.66 -7.76 -25.44
N SER C 20 -0.65 -6.93 -25.66
CA SER C 20 0.63 -7.03 -24.97
C SER C 20 1.00 -5.66 -24.42
N LEU C 21 1.12 -5.56 -23.10
CA LEU C 21 1.38 -4.30 -22.43
C LEU C 21 2.74 -4.37 -21.75
N SER C 22 3.57 -3.35 -21.96
CA SER C 22 4.92 -3.32 -21.43
C SER C 22 4.98 -2.48 -20.16
N CYS C 23 5.71 -2.99 -19.18
CA CYS C 23 5.99 -2.27 -17.93
C CYS C 23 7.48 -2.40 -17.64
N ARG C 24 8.16 -1.27 -17.60
CA ARG C 24 9.62 -1.22 -17.47
C ARG C 24 9.99 -0.81 -16.05
N ALA C 25 10.90 -1.54 -15.43
CA ALA C 25 11.38 -1.24 -14.09
C ALA C 25 12.81 -0.71 -14.18
N SER C 26 13.02 0.51 -13.65
CA SER C 26 14.31 1.16 -13.77
C SER C 26 15.41 0.34 -13.11
N TYR C 27 15.30 0.13 -11.79
CA TYR C 27 16.32 -0.63 -11.08
C TYR C 27 16.03 -2.12 -11.07
N GLY C 28 14.79 -2.53 -11.36
CA GLY C 28 14.46 -3.93 -11.46
C GLY C 28 14.27 -4.59 -10.12
N LEU C 29 13.05 -5.05 -9.84
CA LEU C 29 12.67 -5.59 -8.54
C LEU C 29 12.49 -7.09 -8.60
N ASP C 30 12.31 -7.70 -7.43
CA ASP C 30 12.02 -9.12 -7.35
C ASP C 30 10.72 -9.43 -8.08
N THR C 31 10.68 -10.59 -8.75
CA THR C 31 9.49 -10.97 -9.51
C THR C 31 8.26 -11.11 -8.62
N SER C 32 8.44 -11.29 -7.31
CA SER C 32 7.30 -11.31 -6.40
C SER C 32 6.75 -9.93 -6.10
N HIS C 33 7.40 -8.86 -6.55
CA HIS C 33 7.02 -7.50 -6.21
C HIS C 33 6.54 -6.70 -7.41
N LEU C 34 6.00 -7.38 -8.42
CA LEU C 34 5.43 -6.73 -9.59
C LEU C 34 4.00 -7.22 -9.77
N ALA C 35 3.05 -6.32 -9.63
CA ALA C 35 1.64 -6.65 -9.78
C ALA C 35 1.03 -5.82 -10.91
N TRP C 36 -0.06 -6.35 -11.47
CA TRP C 36 -0.82 -5.65 -12.51
C TRP C 36 -2.22 -5.39 -11.99
N PHE C 37 -2.79 -4.24 -12.39
CA PHE C 37 -4.12 -3.84 -11.99
C PHE C 37 -4.91 -3.35 -13.19
N GLN C 38 -6.22 -3.62 -13.16
CA GLN C 38 -7.16 -3.08 -14.13
C GLN C 38 -8.03 -2.04 -13.44
N HIS C 39 -8.24 -0.92 -14.12
CA HIS C 39 -9.04 0.16 -13.55
C HIS C 39 -10.10 0.60 -14.55
N LYS C 40 -11.36 0.51 -14.14
CA LYS C 40 -12.50 1.08 -14.82
C LYS C 40 -13.05 2.25 -14.00
N PRO C 41 -13.54 3.31 -14.65
CA PRO C 41 -14.00 4.47 -13.90
C PRO C 41 -15.18 4.13 -13.00
N GLY C 42 -15.15 4.67 -11.77
CA GLY C 42 -16.18 4.42 -10.80
C GLY C 42 -15.99 3.18 -9.97
N ARG C 43 -15.07 2.30 -10.35
CA ARG C 43 -14.78 1.09 -9.61
C ARG C 43 -13.37 1.15 -9.03
N PRO C 44 -13.12 0.48 -7.91
CA PRO C 44 -11.76 0.40 -7.38
C PRO C 44 -10.87 -0.41 -8.30
N PRO C 45 -9.55 -0.19 -8.24
CA PRO C 45 -8.63 -1.01 -9.04
C PRO C 45 -8.81 -2.49 -8.75
N ARG C 46 -8.63 -3.31 -9.78
CA ARG C 46 -8.83 -4.75 -9.71
C ARG C 46 -7.50 -5.45 -9.94
N LEU C 47 -7.07 -6.24 -8.95
CA LEU C 47 -5.83 -7.01 -9.08
C LEU C 47 -6.01 -8.11 -10.12
N LEU C 48 -5.24 -8.04 -11.20
CA LEU C 48 -5.25 -9.07 -12.23
C LEU C 48 -4.09 -10.05 -12.09
N ILE C 49 -2.88 -9.56 -11.84
CA ILE C 49 -1.68 -10.37 -11.78
C ILE C 49 -0.87 -9.95 -10.57
N TYR C 50 -0.46 -10.93 -9.76
CA TYR C 50 0.47 -10.70 -8.67
C TYR C 50 1.68 -11.61 -8.85
N GLY C 51 2.83 -11.14 -8.36
CA GLY C 51 4.05 -11.92 -8.50
C GLY C 51 4.43 -12.17 -9.94
N THR C 52 4.26 -11.16 -10.79
CA THR C 52 4.67 -11.17 -12.20
C THR C 52 3.80 -12.07 -13.06
N SER C 53 3.48 -13.28 -12.59
CA SER C 53 2.83 -14.25 -13.47
C SER C 53 1.68 -15.02 -12.83
N SER C 54 1.21 -14.64 -11.65
CA SER C 54 0.15 -15.40 -10.98
C SER C 54 -1.18 -14.64 -11.06
N ARG C 55 -2.28 -15.39 -11.02
CA ARG C 55 -3.62 -14.83 -11.07
C ARG C 55 -4.37 -15.12 -9.78
N PRO C 56 -4.97 -14.12 -9.14
CA PRO C 56 -5.86 -14.39 -8.01
C PRO C 56 -7.12 -15.09 -8.47
N PRO C 57 -7.84 -15.75 -7.56
CA PRO C 57 -9.07 -16.44 -7.98
C PRO C 57 -10.10 -15.45 -8.50
N GLY C 58 -10.88 -15.91 -9.48
CA GLY C 58 -11.89 -15.08 -10.11
C GLY C 58 -11.39 -14.22 -11.25
N VAL C 59 -10.12 -14.29 -11.60
CA VAL C 59 -9.55 -13.56 -12.73
C VAL C 59 -9.54 -14.50 -13.93
N PRO C 60 -10.17 -14.14 -15.05
CA PRO C 60 -10.21 -15.03 -16.21
C PRO C 60 -8.83 -15.44 -16.67
N ASP C 61 -8.78 -16.56 -17.38
CA ASP C 61 -7.52 -17.16 -17.79
C ASP C 61 -6.85 -16.40 -18.94
N ARG C 62 -7.60 -15.56 -19.66
CA ARG C 62 -7.01 -14.81 -20.77
C ARG C 62 -5.97 -13.80 -20.30
N PHE C 63 -6.06 -13.36 -19.04
CA PHE C 63 -5.05 -12.46 -18.48
C PHE C 63 -3.83 -13.27 -18.07
N ARG C 64 -2.67 -12.88 -18.58
CA ARG C 64 -1.43 -13.58 -18.29
C ARG C 64 -0.30 -12.58 -18.16
N GLY C 65 0.58 -12.82 -17.20
CA GLY C 65 1.71 -11.94 -16.95
C GLY C 65 3.03 -12.67 -17.08
N SER C 66 4.07 -11.93 -17.46
CA SER C 66 5.42 -12.47 -17.54
C SER C 66 6.40 -11.32 -17.33
N GLY C 67 7.62 -11.67 -16.94
CA GLY C 67 8.63 -10.66 -16.69
C GLY C 67 9.98 -11.24 -16.33
N SER C 68 11.04 -10.50 -16.62
CA SER C 68 12.40 -10.96 -16.37
C SER C 68 12.98 -10.43 -15.07
N GLY C 69 12.34 -9.43 -14.46
CA GLY C 69 12.85 -8.75 -13.29
C GLY C 69 13.02 -7.26 -13.51
N THR C 70 13.31 -6.86 -14.74
CA THR C 70 13.38 -5.46 -15.09
C THR C 70 12.43 -5.08 -16.22
N ASP C 71 11.92 -6.05 -16.97
CA ASP C 71 10.93 -5.82 -18.02
C ASP C 71 9.77 -6.78 -17.80
N PHE C 72 8.55 -6.25 -17.80
CA PHE C 72 7.37 -7.04 -17.51
C PHE C 72 6.33 -6.84 -18.60
N THR C 73 5.52 -7.89 -18.83
CA THR C 73 4.50 -7.87 -19.87
C THR C 73 3.21 -8.44 -19.32
N LEU C 74 2.09 -7.77 -19.59
CA LEU C 74 0.76 -8.30 -19.32
C LEU C 74 0.12 -8.66 -20.64
N THR C 75 -0.33 -9.91 -20.76
CA THR C 75 -0.91 -10.42 -22.00
C THR C 75 -2.41 -10.67 -21.80
N ILE C 76 -3.22 -10.13 -22.70
CA ILE C 76 -4.63 -10.46 -22.81
C ILE C 76 -4.79 -11.31 -24.06
N THR C 77 -5.08 -12.60 -23.87
CA THR C 77 -5.07 -13.54 -24.99
C THR C 77 -6.11 -13.18 -26.04
N LYS C 78 -7.35 -12.97 -25.61
CA LYS C 78 -8.44 -12.58 -26.51
C LYS C 78 -9.22 -11.46 -25.84
N LEU C 79 -9.18 -10.27 -26.45
CA LEU C 79 -9.80 -9.09 -25.85
C LEU C 79 -11.32 -9.23 -25.85
N GLU C 80 -11.91 -9.27 -24.65
CA GLU C 80 -13.35 -9.23 -24.47
C GLU C 80 -13.82 -7.79 -24.32
N PRO C 81 -15.11 -7.52 -24.55
CA PRO C 81 -15.57 -6.12 -24.49
C PRO C 81 -15.30 -5.45 -23.15
N GLU C 82 -15.40 -6.20 -22.04
CA GLU C 82 -15.17 -5.63 -20.72
C GLU C 82 -13.69 -5.46 -20.39
N ASP C 83 -12.79 -5.84 -21.29
CA ASP C 83 -11.36 -5.71 -21.05
C ASP C 83 -10.79 -4.36 -21.47
N PHE C 84 -11.56 -3.55 -22.18
CA PHE C 84 -11.08 -2.23 -22.60
C PHE C 84 -11.13 -1.30 -21.39
N ALA C 85 -9.97 -1.02 -20.81
CA ALA C 85 -9.85 -0.15 -19.65
C ALA C 85 -8.41 0.34 -19.56
N VAL C 86 -8.04 0.88 -18.41
CA VAL C 86 -6.67 1.29 -18.12
C VAL C 86 -6.02 0.22 -17.25
N TYR C 87 -4.75 -0.06 -17.52
CA TYR C 87 -4.01 -1.10 -16.80
C TYR C 87 -2.73 -0.51 -16.23
N TYR C 88 -2.54 -0.67 -14.93
CA TYR C 88 -1.36 -0.17 -14.24
C TYR C 88 -0.55 -1.33 -13.69
N CYS C 89 0.77 -1.23 -13.79
CA CYS C 89 1.66 -2.10 -13.03
C CYS C 89 2.09 -1.37 -11.77
N GLN C 90 2.44 -2.15 -10.75
CA GLN C 90 2.77 -1.58 -9.45
C GLN C 90 3.91 -2.33 -8.80
N ASN C 91 4.79 -1.58 -8.14
CA ASN C 91 5.80 -2.16 -7.26
C ASN C 91 5.09 -2.55 -5.98
N SER C 92 4.78 -3.83 -5.83
CA SER C 92 3.89 -4.26 -4.76
C SER C 92 4.61 -4.58 -3.46
N GLY C 93 5.93 -4.78 -3.49
CA GLY C 93 6.65 -5.12 -2.28
C GLY C 93 8.05 -4.57 -2.20
N GLY C 94 8.68 -4.30 -3.33
CA GLY C 94 10.07 -3.87 -3.32
C GLY C 94 10.29 -2.42 -2.97
N GLY C 95 9.24 -1.70 -2.55
CA GLY C 95 9.35 -0.31 -2.16
C GLY C 95 10.04 -0.19 -0.83
N THR C 96 9.67 0.79 -0.02
CA THR C 96 8.63 1.76 -0.36
C THR C 96 9.26 2.98 -1.04
N PRO C 97 8.46 3.76 -1.79
CA PRO C 97 7.01 3.71 -2.02
C PRO C 97 6.57 2.63 -3.00
N LEU C 98 5.35 2.12 -2.79
CA LEU C 98 4.79 1.07 -3.64
C LEU C 98 4.17 1.74 -4.87
N ILE C 99 5.06 2.19 -5.76
CA ILE C 99 4.68 3.09 -6.85
C ILE C 99 3.86 2.35 -7.90
N PHE C 100 2.80 3.00 -8.37
CA PHE C 100 2.06 2.57 -9.56
C PHE C 100 2.70 3.14 -10.81
N GLY C 101 2.59 2.40 -11.90
CA GLY C 101 3.06 2.86 -13.19
C GLY C 101 2.16 3.96 -13.75
N PRO C 102 2.60 4.61 -14.83
CA PRO C 102 1.76 5.67 -15.40
C PRO C 102 0.47 5.17 -16.01
N GLY C 103 0.42 3.94 -16.49
CA GLY C 103 -0.81 3.36 -16.98
C GLY C 103 -0.84 3.26 -18.49
N THR C 104 -1.62 2.30 -18.99
CA THR C 104 -1.82 2.09 -20.41
C THR C 104 -3.30 1.91 -20.68
N LYS C 105 -3.86 2.75 -21.54
CA LYS C 105 -5.27 2.69 -21.88
C LYS C 105 -5.47 1.78 -23.08
N VAL C 106 -6.24 0.71 -22.91
CA VAL C 106 -6.58 -0.20 -23.99
C VAL C 106 -7.95 0.21 -24.51
N ASP C 107 -8.00 0.79 -25.71
CA ASP C 107 -9.25 1.23 -26.30
C ASP C 107 -9.55 0.44 -27.57
N ILE C 108 -10.73 0.68 -28.12
CA ILE C 108 -11.24 -0.10 -29.25
C ILE C 108 -10.64 0.41 -30.55
N LYS C 109 -10.14 -0.51 -31.37
CA LYS C 109 -9.62 -0.16 -32.68
C LYS C 109 -10.73 0.40 -33.57
N ARG C 110 -10.34 1.24 -34.51
CA ARG C 110 -11.28 1.84 -35.44
C ARG C 110 -10.51 2.47 -36.59
N THR C 111 -11.16 2.61 -37.74
CA THR C 111 -10.59 3.42 -38.81
C THR C 111 -10.53 4.87 -38.36
N VAL C 112 -9.54 5.60 -38.87
CA VAL C 112 -9.33 6.98 -38.47
C VAL C 112 -10.53 7.82 -38.88
N ALA C 113 -11.02 8.63 -37.95
CA ALA C 113 -12.15 9.53 -38.19
C ALA C 113 -11.77 10.92 -37.72
N ALA C 114 -11.89 11.90 -38.61
CA ALA C 114 -11.56 13.28 -38.26
C ALA C 114 -12.65 13.89 -37.40
N PRO C 115 -12.30 14.79 -36.48
CA PRO C 115 -13.31 15.42 -35.64
C PRO C 115 -14.10 16.48 -36.39
N SER C 116 -15.39 16.55 -36.09
CA SER C 116 -16.21 17.68 -36.50
C SER C 116 -15.99 18.81 -35.51
N VAL C 117 -15.39 19.90 -35.98
CA VAL C 117 -14.94 20.98 -35.10
C VAL C 117 -15.98 22.08 -35.12
N PHE C 118 -16.48 22.45 -33.94
CA PHE C 118 -17.43 23.53 -33.77
C PHE C 118 -16.91 24.51 -32.74
N ILE C 119 -17.25 25.78 -32.91
CA ILE C 119 -16.88 26.83 -31.97
C ILE C 119 -18.15 27.53 -31.51
N PHE C 120 -18.19 27.89 -30.24
CA PHE C 120 -19.37 28.52 -29.65
C PHE C 120 -18.99 29.84 -28.99
N PRO C 121 -19.47 30.97 -29.50
CA PRO C 121 -19.20 32.26 -28.85
C PRO C 121 -19.90 32.32 -27.50
N PRO C 122 -19.44 33.19 -26.60
CA PRO C 122 -20.09 33.29 -25.29
C PRO C 122 -21.44 33.99 -25.40
N SER C 123 -22.37 33.55 -24.55
CA SER C 123 -23.70 34.12 -24.56
C SER C 123 -23.70 35.51 -23.92
N ASP C 124 -24.74 36.28 -24.24
CA ASP C 124 -24.88 37.60 -23.63
C ASP C 124 -25.24 37.50 -22.15
N GLU C 125 -26.00 36.47 -21.76
CA GLU C 125 -26.33 36.28 -20.35
C GLU C 125 -25.07 36.07 -19.52
N GLN C 126 -24.10 35.31 -20.06
CA GLN C 126 -22.85 35.11 -19.34
C GLN C 126 -21.97 36.35 -19.41
N LEU C 127 -21.96 37.03 -20.57
CA LEU C 127 -21.18 38.25 -20.69
C LEU C 127 -21.59 39.30 -19.68
N LYS C 128 -22.88 39.34 -19.33
CA LYS C 128 -23.34 40.33 -18.35
C LYS C 128 -22.87 40.02 -16.94
N SER C 129 -22.45 38.78 -16.67
CA SER C 129 -22.01 38.39 -15.34
C SER C 129 -20.54 38.70 -15.08
N GLY C 130 -19.76 39.03 -16.12
CA GLY C 130 -18.37 39.38 -15.98
C GLY C 130 -17.39 38.35 -16.49
N THR C 131 -17.85 37.15 -16.83
CA THR C 131 -16.98 36.10 -17.35
C THR C 131 -17.39 35.74 -18.76
N ALA C 132 -16.42 35.31 -19.56
CA ALA C 132 -16.65 34.93 -20.96
C ALA C 132 -15.98 33.59 -21.22
N SER C 133 -16.78 32.60 -21.60
CA SER C 133 -16.29 31.26 -21.88
C SER C 133 -16.53 30.95 -23.35
N VAL C 134 -15.46 30.60 -24.07
CA VAL C 134 -15.53 30.23 -25.47
C VAL C 134 -15.27 28.74 -25.57
N VAL C 135 -16.24 28.00 -26.08
CA VAL C 135 -16.20 26.55 -26.11
C VAL C 135 -15.89 26.08 -27.53
N CYS C 136 -14.94 25.16 -27.65
CA CYS C 136 -14.62 24.53 -28.92
C CYS C 136 -14.86 23.03 -28.78
N LEU C 137 -15.68 22.47 -29.68
CA LEU C 137 -16.11 21.10 -29.60
C LEU C 137 -15.48 20.29 -30.73
N LEU C 138 -14.77 19.22 -30.36
CA LEU C 138 -14.26 18.22 -31.30
C LEU C 138 -15.16 17.00 -31.17
N ASN C 139 -15.91 16.68 -32.21
CA ASN C 139 -16.98 15.70 -32.14
C ASN C 139 -16.63 14.45 -32.94
N ASN C 140 -16.72 13.29 -32.28
CA ASN C 140 -16.62 11.98 -32.91
C ASN C 140 -15.37 11.80 -33.73
N PHE C 141 -14.23 11.59 -33.07
CA PHE C 141 -12.96 11.43 -33.76
C PHE C 141 -12.24 10.19 -33.24
N TYR C 142 -11.28 9.73 -34.03
CA TYR C 142 -10.41 8.63 -33.64
C TYR C 142 -9.14 8.72 -34.47
N PRO C 143 -7.96 8.55 -33.86
CA PRO C 143 -7.71 8.16 -32.46
C PRO C 143 -7.90 9.28 -31.44
N ARG C 144 -7.49 8.98 -30.21
CA ARG C 144 -7.73 9.87 -29.08
C ARG C 144 -6.84 11.11 -29.13
N GLU C 145 -5.62 10.98 -29.63
CA GLU C 145 -4.66 12.09 -29.65
C GLU C 145 -5.18 13.27 -30.46
N ALA C 146 -5.50 14.37 -29.78
CA ALA C 146 -6.00 15.56 -30.42
C ALA C 146 -5.35 16.79 -29.78
N LYS C 147 -5.01 17.77 -30.60
CA LYS C 147 -4.33 18.98 -30.16
C LYS C 147 -5.22 20.18 -30.43
N VAL C 148 -5.61 20.88 -29.37
CA VAL C 148 -6.45 22.07 -29.46
C VAL C 148 -5.61 23.28 -29.09
N GLN C 149 -5.65 24.31 -29.94
CA GLN C 149 -4.89 25.54 -29.73
C GLN C 149 -5.84 26.72 -29.84
N TRP C 150 -5.94 27.52 -28.79
CA TRP C 150 -6.74 28.73 -28.80
C TRP C 150 -5.90 29.91 -29.28
N LYS C 151 -6.46 30.71 -30.18
CA LYS C 151 -5.82 31.92 -30.70
C LYS C 151 -6.78 33.08 -30.56
N VAL C 152 -6.37 34.11 -29.82
CA VAL C 152 -7.14 35.32 -29.64
C VAL C 152 -6.38 36.45 -30.32
N ASP C 153 -6.90 36.92 -31.46
CA ASP C 153 -6.19 37.87 -32.32
C ASP C 153 -4.81 37.33 -32.69
N ASN C 154 -4.80 36.06 -33.10
CA ASN C 154 -3.60 35.34 -33.52
C ASN C 154 -2.58 35.19 -32.38
N ALA C 155 -3.01 35.32 -31.14
CA ALA C 155 -2.14 35.14 -29.98
C ALA C 155 -2.43 33.77 -29.35
N LEU C 156 -1.41 32.93 -29.27
CA LEU C 156 -1.55 31.57 -28.76
C LEU C 156 -1.86 31.61 -27.27
N GLN C 157 -3.05 31.20 -26.88
CA GLN C 157 -3.40 31.08 -25.47
C GLN C 157 -2.82 29.78 -24.90
N SER C 158 -2.50 29.81 -23.60
CA SER C 158 -1.82 28.67 -23.02
C SER C 158 -2.51 28.15 -21.75
N GLY C 159 -2.44 28.91 -20.67
CA GLY C 159 -2.92 28.42 -19.39
C GLY C 159 -4.29 28.88 -18.97
N ASN C 160 -5.14 29.24 -19.94
CA ASN C 160 -6.49 29.70 -19.65
C ASN C 160 -7.54 28.86 -20.38
N SER C 161 -7.25 27.57 -20.59
CA SER C 161 -8.18 26.66 -21.22
C SER C 161 -8.16 25.33 -20.49
N GLN C 162 -9.28 24.60 -20.57
CA GLN C 162 -9.41 23.29 -19.95
C GLN C 162 -10.08 22.34 -20.92
N GLU C 163 -9.58 21.11 -20.95
CA GLU C 163 -10.08 20.08 -21.85
C GLU C 163 -10.83 19.01 -21.06
N SER C 164 -11.91 18.51 -21.65
CA SER C 164 -12.68 17.41 -21.07
C SER C 164 -13.07 16.47 -22.20
N VAL C 165 -12.75 15.19 -22.04
CA VAL C 165 -12.99 14.19 -23.07
C VAL C 165 -14.00 13.17 -22.56
N THR C 166 -14.96 12.82 -23.40
CA THR C 166 -15.89 11.75 -23.08
C THR C 166 -15.18 10.40 -23.18
N GLU C 167 -15.75 9.40 -22.54
CA GLU C 167 -15.27 8.04 -22.73
C GLU C 167 -15.51 7.60 -24.16
N GLN C 168 -14.75 6.60 -24.60
CA GLN C 168 -14.91 6.10 -25.96
C GLN C 168 -16.32 5.54 -26.14
N ASP C 169 -17.04 6.07 -27.12
CA ASP C 169 -18.40 5.63 -27.37
C ASP C 169 -18.42 4.15 -27.72
N SER C 170 -19.35 3.41 -27.11
CA SER C 170 -19.37 1.96 -27.25
C SER C 170 -19.83 1.51 -28.63
N LYS C 171 -20.46 2.39 -29.40
CA LYS C 171 -21.03 2.00 -30.69
C LYS C 171 -20.06 2.28 -31.84
N ASP C 172 -19.63 3.53 -31.99
CA ASP C 172 -18.75 3.90 -33.10
C ASP C 172 -17.28 4.02 -32.68
N SER C 173 -16.98 3.84 -31.39
CA SER C 173 -15.61 3.81 -30.88
C SER C 173 -14.91 5.16 -31.07
N THR C 174 -15.66 6.25 -31.07
CA THR C 174 -15.09 7.58 -31.23
C THR C 174 -15.02 8.31 -29.90
N TYR C 175 -14.27 9.40 -29.88
CA TYR C 175 -14.13 10.27 -28.73
C TYR C 175 -14.73 11.64 -29.04
N SER C 176 -15.04 12.37 -27.98
CA SER C 176 -15.52 13.75 -28.10
C SER C 176 -14.79 14.59 -27.06
N LEU C 177 -14.26 15.73 -27.50
CA LEU C 177 -13.48 16.60 -26.65
C LEU C 177 -14.08 17.99 -26.65
N SER C 178 -14.12 18.60 -25.46
CA SER C 178 -14.54 19.98 -25.30
C SER C 178 -13.37 20.80 -24.77
N SER C 179 -13.19 21.99 -25.33
CA SER C 179 -12.17 22.92 -24.86
C SER C 179 -12.84 24.25 -24.58
N THR C 180 -12.68 24.75 -23.36
CA THR C 180 -13.31 25.99 -22.92
C THR C 180 -12.24 27.01 -22.60
N LEU C 181 -12.27 28.13 -23.32
CA LEU C 181 -11.36 29.24 -23.07
C LEU C 181 -12.11 30.29 -22.26
N THR C 182 -11.68 30.50 -21.02
CA THR C 182 -12.33 31.42 -20.10
C THR C 182 -11.57 32.74 -20.06
N LEU C 183 -12.29 33.84 -20.24
CA LEU C 183 -11.71 35.17 -20.16
C LEU C 183 -12.67 36.08 -19.41
N SER C 184 -12.14 37.16 -18.85
CA SER C 184 -12.98 38.18 -18.24
C SER C 184 -13.69 38.98 -19.33
N LYS C 185 -14.76 39.66 -18.92
CA LYS C 185 -15.52 40.46 -19.88
C LYS C 185 -14.69 41.60 -20.44
N ALA C 186 -13.77 42.15 -19.65
CA ALA C 186 -12.91 43.23 -20.13
C ALA C 186 -11.96 42.74 -21.22
N ASP C 187 -11.24 41.66 -20.96
CA ASP C 187 -10.30 41.14 -21.95
C ASP C 187 -11.01 40.64 -23.19
N TYR C 188 -12.21 40.09 -23.05
CA TYR C 188 -12.93 39.59 -24.21
C TYR C 188 -13.33 40.72 -25.15
N GLU C 189 -13.80 41.83 -24.60
CA GLU C 189 -14.24 42.95 -25.43
C GLU C 189 -13.09 43.69 -26.08
N LYS C 190 -11.84 43.43 -25.69
CA LYS C 190 -10.71 44.12 -26.29
C LYS C 190 -10.29 43.51 -27.62
N HIS C 191 -10.55 42.21 -27.82
CA HIS C 191 -10.04 41.50 -28.98
C HIS C 191 -11.19 41.06 -29.88
N LYS C 192 -10.86 40.84 -31.16
CA LYS C 192 -11.86 40.59 -32.19
C LYS C 192 -11.89 39.13 -32.63
N VAL C 193 -10.79 38.59 -33.12
CA VAL C 193 -10.77 37.27 -33.73
C VAL C 193 -10.53 36.22 -32.65
N TYR C 194 -11.40 35.21 -32.59
CA TYR C 194 -11.27 34.08 -31.67
C TYR C 194 -11.30 32.80 -32.49
N ALA C 195 -10.21 32.05 -32.47
CA ALA C 195 -10.07 30.87 -33.32
C ALA C 195 -9.78 29.63 -32.48
N CYS C 196 -10.09 28.48 -33.07
CA CYS C 196 -9.83 27.17 -32.47
C CYS C 196 -9.09 26.33 -33.49
N GLU C 197 -7.82 26.05 -33.25
CA GLU C 197 -6.99 25.28 -34.16
C GLU C 197 -6.91 23.84 -33.68
N VAL C 198 -7.25 22.91 -34.56
CA VAL C 198 -7.34 21.49 -34.22
C VAL C 198 -6.30 20.72 -35.03
N THR C 199 -5.57 19.84 -34.37
CA THR C 199 -4.59 18.97 -35.00
C THR C 199 -4.96 17.53 -34.68
N HIS C 200 -5.21 16.73 -35.71
CA HIS C 200 -5.63 15.35 -35.52
C HIS C 200 -5.11 14.52 -36.69
N GLN C 201 -5.00 13.21 -36.47
CA GLN C 201 -4.46 12.32 -37.50
C GLN C 201 -5.37 12.26 -38.72
N GLY C 202 -6.68 12.49 -38.54
CA GLY C 202 -7.62 12.45 -39.63
C GLY C 202 -7.66 13.68 -40.52
N LEU C 203 -7.01 14.75 -40.10
CA LEU C 203 -6.98 16.01 -40.85
C LEU C 203 -5.62 16.16 -41.53
N SER C 204 -5.64 16.42 -42.84
CA SER C 204 -4.38 16.62 -43.54
C SER C 204 -3.71 17.91 -43.09
N SER C 205 -4.50 18.97 -42.90
CA SER C 205 -4.05 20.27 -42.40
C SER C 205 -4.82 20.65 -41.16
N PRO C 206 -4.23 21.43 -40.26
CA PRO C 206 -4.96 21.85 -39.05
C PRO C 206 -6.16 22.70 -39.39
N VAL C 207 -7.32 22.28 -38.88
CA VAL C 207 -8.59 22.98 -39.14
C VAL C 207 -8.75 24.10 -38.13
N THR C 208 -9.15 25.28 -38.62
CA THR C 208 -9.36 26.45 -37.78
C THR C 208 -10.84 26.83 -37.83
N LYS C 209 -11.48 26.84 -36.67
CA LYS C 209 -12.84 27.34 -36.52
C LYS C 209 -12.78 28.67 -35.77
N SER C 210 -13.22 29.74 -36.41
CA SER C 210 -13.03 31.08 -35.88
C SER C 210 -14.30 31.90 -36.02
N PHE C 211 -14.34 33.00 -35.27
CA PHE C 211 -15.41 33.99 -35.35
C PHE C 211 -14.86 35.31 -34.85
N ASN C 212 -15.59 36.39 -35.14
CA ASN C 212 -15.22 37.72 -34.70
C ASN C 212 -16.23 38.23 -33.67
N ARG C 213 -15.72 38.86 -32.61
CA ARG C 213 -16.57 39.39 -31.56
C ARG C 213 -17.53 40.45 -32.08
C1 NAG D . 24.80 -13.19 1.99
C2 NAG D . 24.46 -11.87 1.28
C3 NAG D . 24.17 -12.17 -0.19
C4 NAG D . 25.36 -12.89 -0.83
C5 NAG D . 25.70 -14.13 -0.01
C6 NAG D . 26.98 -14.78 -0.55
C7 NAG D . 23.49 -10.38 2.92
C8 NAG D . 22.23 -9.79 3.50
N2 NAG D . 23.33 -11.24 1.91
O3 NAG D . 23.95 -10.92 -0.88
O4 NAG D . 24.95 -13.35 -2.13
O5 NAG D . 25.94 -13.76 1.36
O6 NAG D . 27.36 -15.88 0.28
O7 NAG D . 24.59 -10.08 3.35
C1 NAG D . 25.49 -12.53 -3.18
C2 NAG D . 25.98 -13.45 -4.30
C3 NAG D . 26.46 -12.63 -5.49
C4 NAG D . 25.38 -11.64 -5.92
C5 NAG D . 24.97 -10.80 -4.72
C6 NAG D . 23.87 -9.80 -5.11
C7 NAG D . 27.11 -15.60 -3.97
C8 NAG D . 25.93 -16.25 -4.62
N2 NAG D . 27.09 -14.27 -3.85
O3 NAG D . 26.72 -13.50 -6.60
O4 NAG D . 25.88 -10.80 -6.96
O5 NAG D . 24.50 -11.64 -3.67
O6 NAG D . 23.68 -8.87 -4.04
O7 NAG D . 28.06 -16.26 -3.56
C1 NAG E . 16.81 -16.09 29.78
C2 NAG E . 15.50 -15.78 30.48
C3 NAG E . 15.76 -15.61 31.98
C4 NAG E . 16.44 -16.87 32.51
C5 NAG E . 17.70 -17.15 31.73
C6 NAG E . 18.33 -18.47 32.16
C7 NAG E . 13.73 -14.60 29.34
C8 NAG E . 13.23 -13.26 28.85
N2 NAG E . 14.90 -14.56 29.96
O3 NAG E . 14.51 -15.40 32.64
O4 NAG E . 16.78 -16.70 33.89
O5 NAG E . 17.38 -17.27 30.35
O6 NAG E . 17.55 -19.53 31.60
O7 NAG E . 13.09 -15.63 29.18
C1 NAG E . 15.85 -17.48 34.67
C2 NAG E . 16.58 -18.11 35.83
C3 NAG E . 15.58 -18.89 36.69
C4 NAG E . 14.42 -17.99 37.09
C5 NAG E . 13.80 -17.36 35.86
C6 NAG E . 12.70 -16.40 36.27
C7 NAG E . 18.80 -19.13 35.86
C8 NAG E . 19.71 -20.13 35.23
N2 NAG E . 17.58 -19.04 35.33
O3 NAG E . 16.26 -19.35 37.88
O4 NAG E . 13.41 -18.83 37.65
O5 NAG E . 14.80 -16.63 35.16
O6 NAG E . 12.04 -15.90 35.10
O7 NAG E . 19.15 -18.43 36.81
C1 BMA E . 13.33 -18.62 39.06
C2 BMA E . 11.86 -18.51 39.43
C3 BMA E . 11.67 -18.33 40.93
C4 BMA E . 12.49 -19.39 41.67
C5 BMA E . 13.94 -19.41 41.18
C6 BMA E . 14.76 -20.49 41.89
O2 BMA E . 11.17 -19.68 39.00
O3 BMA E . 10.29 -18.62 41.18
O4 BMA E . 12.48 -19.11 43.07
O5 BMA E . 13.93 -19.69 39.78
O6 BMA E . 13.95 -21.66 42.09
C1 MAN E . 9.72 -17.69 42.12
C2 MAN E . 9.08 -18.49 43.23
C3 MAN E . 7.99 -19.37 42.64
C4 MAN E . 7.01 -18.51 41.85
C5 MAN E . 7.75 -17.66 40.83
C6 MAN E . 6.77 -16.74 40.12
O2 MAN E . 8.49 -17.59 44.19
O3 MAN E . 7.30 -20.07 43.68
O4 MAN E . 6.08 -19.36 41.18
O5 MAN E . 8.71 -16.86 41.53
O6 MAN E . 7.43 -15.55 39.69
C1 MAN E . 14.78 -22.83 42.15
C2 MAN E . 13.90 -24.08 42.07
C3 MAN E . 12.98 -24.14 43.29
C4 MAN E . 13.80 -24.04 44.57
C5 MAN E . 14.68 -22.80 44.51
C6 MAN E . 15.56 -22.69 45.75
O2 MAN E . 14.72 -25.25 42.04
O3 MAN E . 12.27 -25.39 43.27
O4 MAN E . 12.92 -23.95 45.70
O5 MAN E . 15.53 -22.89 43.37
O6 MAN E . 16.66 -21.83 45.49
C1 NAG F . 32.70 -9.76 16.86
C2 NAG F . 34.17 -10.04 17.14
C3 NAG F . 35.04 -8.84 16.81
C4 NAG F . 34.78 -8.38 15.39
C5 NAG F . 33.29 -8.10 15.20
C6 NAG F . 32.91 -7.66 13.79
C7 NAG F . 34.37 -11.60 19.01
C8 NAG F . 34.55 -11.74 20.49
N2 NAG F . 34.34 -10.36 18.55
O3 NAG F . 36.42 -9.20 16.95
O4 NAG F . 35.61 -7.23 15.12
O5 NAG F . 32.55 -9.28 15.51
O6 NAG F . 31.55 -7.22 13.75
O7 NAG F . 34.29 -12.57 18.28
C1 NAG F . 36.27 -7.40 13.84
C2 NAG F . 36.86 -6.06 13.39
C3 NAG F . 37.42 -6.25 11.99
C4 NAG F . 38.42 -7.41 11.94
C5 NAG F . 37.82 -8.66 12.57
C6 NAG F . 38.86 -9.77 12.68
C7 NAG F . 35.57 -4.31 14.48
C8 NAG F . 34.50 -3.27 14.33
N2 NAG F . 35.85 -5.01 13.39
O3 NAG F . 38.05 -5.05 11.57
O4 NAG F . 38.58 -7.72 10.57
O5 NAG F . 37.33 -8.36 13.87
O6 NAG F . 38.27 -10.96 13.21
O7 NAG F . 36.14 -4.49 15.55
C1 BMA F . 39.95 -7.57 10.12
C2 BMA F . 40.11 -8.51 8.94
C3 BMA F . 41.51 -8.42 8.36
C4 BMA F . 41.85 -6.97 8.07
C5 BMA F . 41.62 -6.12 9.31
C6 BMA F . 41.89 -4.66 9.00
O2 BMA F . 39.17 -8.14 7.93
O3 BMA F . 41.52 -9.18 7.15
O4 BMA F . 43.23 -6.88 7.70
O5 BMA F . 40.24 -6.24 9.71
O6 BMA F . 41.23 -3.84 9.98
C1 MAN F . 42.66 -10.07 7.15
C2 MAN F . 42.85 -10.61 5.72
C3 MAN F . 41.67 -11.49 5.31
C4 MAN F . 41.46 -12.57 6.36
C5 MAN F . 41.30 -11.91 7.73
C6 MAN F . 41.07 -12.96 8.82
O2 MAN F . 44.08 -11.34 5.63
O3 MAN F . 41.97 -12.11 4.05
O4 MAN F . 40.27 -13.32 6.05
O5 MAN F . 42.49 -11.17 8.03
O6 MAN F . 41.02 -12.31 10.10
C1 MAN F . 44.96 -10.58 4.77
C2 MAN F . 45.54 -11.52 3.72
C3 MAN F . 46.35 -12.62 4.40
C4 MAN F . 47.37 -12.00 5.34
C5 MAN F . 46.67 -11.02 6.29
C6 MAN F . 47.71 -10.36 7.19
O2 MAN F . 46.40 -10.77 2.85
O3 MAN F . 47.02 -13.38 3.40
O4 MAN F . 48.01 -13.02 6.11
O5 MAN F . 46.03 -10.01 5.51
O6 MAN F . 47.18 -9.12 7.68
C1 MAN F . 41.99 -2.62 10.10
C2 MAN F . 42.26 -2.36 11.59
C3 MAN F . 40.97 -2.11 12.35
C4 MAN F . 40.17 -1.03 11.65
C5 MAN F . 39.99 -1.37 10.16
C6 MAN F . 39.24 -0.25 9.44
O2 MAN F . 43.12 -1.22 11.74
O3 MAN F . 41.43 -1.61 13.62
O4 MAN F . 38.88 -0.93 12.25
O5 MAN F . 41.28 -1.49 9.58
O6 MAN F . 39.49 -0.33 8.03
C1 MAN F . 40.63 -2.01 14.74
C2 MAN F . 41.20 -1.32 15.98
C3 MAN F . 42.63 -1.82 16.24
C4 MAN F . 42.60 -3.33 16.38
C5 MAN F . 41.95 -3.96 15.15
C6 MAN F . 41.82 -5.47 15.33
O2 MAN F . 40.36 -1.59 17.11
O3 MAN F . 43.17 -1.21 17.41
O4 MAN F . 43.95 -3.82 16.50
O5 MAN F . 40.63 -3.42 15.01
O6 MAN F . 40.85 -5.97 14.41
C1 NAG G . 32.47 -27.74 9.49
C2 NAG G . 33.69 -27.12 10.17
C3 NAG G . 34.06 -27.89 11.43
C4 NAG G . 32.84 -28.04 12.33
C5 NAG G . 31.70 -28.68 11.55
C6 NAG G . 30.46 -28.88 12.41
C7 NAG G . 35.03 -26.20 8.33
C8 NAG G . 36.26 -26.39 7.49
N2 NAG G . 34.82 -27.13 9.27
O3 NAG G . 35.09 -27.17 12.13
O4 NAG G . 33.16 -28.85 13.47
O5 NAG G . 31.39 -27.87 10.41
O6 NAG G . 29.93 -27.61 12.81
O7 NAG G . 34.27 -25.27 8.15
C1 NAG H . 16.20 -5.96 -3.59
C2 NAG H . 16.32 -6.87 -4.81
C3 NAG H . 16.75 -6.05 -6.01
C4 NAG H . 15.77 -4.89 -6.21
C5 NAG H . 15.65 -4.06 -4.94
C6 NAG H . 14.56 -3.02 -5.15
C7 NAG H . 16.87 -9.20 -4.48
C8 NAG H . 17.95 -10.21 -4.23
N2 NAG H . 17.27 -7.94 -4.56
O3 NAG H . 16.74 -6.88 -7.19
O4 NAG H . 16.26 -4.04 -7.25
O5 NAG H . 15.26 -4.92 -3.86
O6 NAG H . 13.77 -2.90 -3.95
O7 NAG H . 15.70 -9.53 -4.61
C1 NAG I . 20.45 -7.55 39.00
C2 NAG I . 21.63 -8.28 39.65
C3 NAG I . 21.35 -8.52 41.13
C4 NAG I . 21.05 -7.18 41.79
C5 NAG I . 19.90 -6.48 41.09
C6 NAG I . 19.68 -5.11 41.68
C7 NAG I . 22.88 -9.70 38.13
C8 NAG I . 23.04 -11.07 37.54
N2 NAG I . 21.88 -9.55 39.00
O3 NAG I . 22.49 -9.13 41.75
O4 NAG I . 20.71 -7.38 43.18
O5 NAG I . 20.23 -6.33 39.70
O6 NAG I . 18.79 -4.36 40.84
O7 NAG I . 23.61 -8.76 37.83
C1 NAG J . 11.39 7.11 25.70
C2 NAG J . 10.11 7.82 25.27
C3 NAG J . 10.45 9.15 24.60
C4 NAG J . 11.31 9.99 25.54
C5 NAG J . 12.56 9.20 25.94
C6 NAG J . 13.37 9.98 26.96
C7 NAG J . 8.15 6.55 24.59
C8 NAG J . 7.52 5.72 23.51
N2 NAG J . 9.36 7.01 24.32
O3 NAG J . 9.25 9.89 24.33
O4 NAG J . 11.69 11.20 24.87
O5 NAG J . 12.14 7.98 26.54
O6 NAG J . 14.30 9.09 27.61
O7 NAG J . 7.58 6.79 25.65
C1 NAG K . 23.21 10.20 25.22
C2 NAG K . 22.08 10.72 26.11
C3 NAG K . 22.45 12.10 26.66
C4 NAG K . 23.80 12.02 27.36
C5 NAG K . 24.86 11.46 26.42
C6 NAG K . 26.18 11.29 27.15
C7 NAG K . 19.88 9.91 25.48
C8 NAG K . 18.66 10.14 24.64
N2 NAG K . 20.84 10.81 25.37
O3 NAG K . 21.45 12.51 27.59
O4 NAG K . 24.19 13.33 27.80
O5 NAG K . 24.42 10.18 25.96
O6 NAG K . 27.04 10.45 26.38
O7 NAG K . 19.99 8.93 26.21
C1 NAG L . 24.86 -15.97 27.77
C2 NAG L . 24.50 -17.42 28.03
C3 NAG L . 25.70 -18.21 28.54
C4 NAG L . 26.85 -18.05 27.56
C5 NAG L . 27.16 -16.57 27.34
C6 NAG L . 28.27 -16.40 26.32
C7 NAG L . 22.16 -17.82 28.58
C8 NAG L . 21.13 -17.86 29.67
N2 NAG L . 23.39 -17.50 28.97
O3 NAG L . 25.34 -19.59 28.62
O4 NAG L . 28.02 -18.74 28.02
O5 NAG L . 25.98 -15.91 26.87
O6 NAG L . 28.51 -15.00 26.11
O7 NAG L . 21.87 -18.05 27.42
N1 EPE M . -4.11 0.32 35.15
C2 EPE M . -5.49 0.36 34.67
C3 EPE M . -6.33 1.30 35.49
N4 EPE M . -6.21 1.00 36.90
C5 EPE M . -4.88 0.81 37.45
C6 EPE M . -4.05 -0.10 36.57
C7 EPE M . -7.37 1.09 37.77
C8 EPE M . -7.05 1.75 39.11
O8 EPE M . -6.69 0.78 40.05
C9 EPE M . -3.40 -0.71 34.38
C10 EPE M . -3.09 -0.20 32.99
S EPE M . -1.76 -1.18 32.25
O1S EPE M . -1.35 -2.23 33.18
O2S EPE M . -0.62 -0.29 31.99
O3S EPE M . -2.23 -1.78 31.01
#